data_4CPO
#
_entry.id   4CPO
#
_cell.length_a   159.490
_cell.length_b   159.490
_cell.length_c   89.547
_cell.angle_alpha   90.00
_cell.angle_beta   90.00
_cell.angle_gamma   120.00
#
_symmetry.space_group_name_H-M   'P 32 2 1'
#
loop_
_entity.id
_entity.type
_entity.pdbx_description
1 polymer NEURAMINIDASE
2 branched 2-acetamido-2-deoxy-beta-D-glucopyranose-(1-4)-2-acetamido-2-deoxy-beta-D-glucopyranose
3 non-polymer 2-acetamido-2-deoxy-beta-D-glucopyranose
4 non-polymer 'CALCIUM ION'
5 non-polymer 1,2-ETHANEDIOL
6 water water
#
_entity_poly.entity_id   1
_entity_poly.type   'polypeptide(L)'
_entity_poly.pdbx_seq_one_letter_code
;MLPSTIQTLTLFLTSGGVLLSLYVSALLSYLLYSDILLKFSPTEITAPTMSLDCANASNVQAVNRSATKGVTFLLPEPEW
TYPRLSCPGSTFQKALLISPHRFGETKGNSAPLIIREPFIACGPNECKHFALTHYAAQPGGYYNGTRGDRNKLRHLISVK
LGKIPTVENSIFHMAAWSGSACHDGKEWTYIGVDGPDNDALLKVKYGEAYTDTYHSYANKLLRTQESACNCIGGNCYLMI
TDGSASGVSECRFLKIREGRIIKEIFPTGRVKHTEECTCGFASNKTIECACRDNSYTAKRPFVKLNVETDTAEIRLMCTD
TYLDTPRPDDGSITGPCESNGDKGSGGIKGGFVHQRMESKIGRWYSRTMSKTERMGMGLYVKYDGDPWADSDALAFSGVM
VSMKEPGWYSFGFEIKDKECDVPCIGIEMVHDGGKETWHSAATAIYCLMGSGQLLWDTVTGVDMAL
;
_entity_poly.pdbx_strand_id   A,B
#
loop_
_chem_comp.id
_chem_comp.type
_chem_comp.name
_chem_comp.formula
CA non-polymer 'CALCIUM ION' 'Ca 2'
EDO non-polymer 1,2-ETHANEDIOL 'C2 H6 O2'
NAG D-saccharide, beta linking 2-acetamido-2-deoxy-beta-D-glucopyranose 'C8 H15 N O6'
#
# COMPACT_ATOMS: atom_id res chain seq x y z
N GLU A 77 13.80 -2.16 23.81
CA GLU A 77 13.60 -0.73 23.65
C GLU A 77 13.05 -0.38 22.27
N PRO A 78 11.82 -0.80 21.95
CA PRO A 78 10.88 -1.62 22.74
C PRO A 78 11.18 -3.10 22.61
N GLU A 79 10.41 -3.92 23.33
CA GLU A 79 10.58 -5.37 23.29
C GLU A 79 9.44 -6.07 22.56
N TRP A 80 9.63 -7.35 22.25
CA TRP A 80 8.59 -8.14 21.63
C TRP A 80 7.40 -8.24 22.55
N THR A 81 6.23 -8.29 21.93
CA THR A 81 4.97 -8.42 22.65
C THR A 81 4.56 -9.90 22.76
N TYR A 82 3.84 -10.23 23.84
CA TYR A 82 3.35 -11.58 24.11
C TYR A 82 1.92 -11.43 24.65
N PRO A 83 1.08 -12.47 24.49
CA PRO A 83 -0.25 -12.39 25.11
C PRO A 83 -0.13 -12.43 26.64
N ARG A 84 -0.94 -11.63 27.33
CA ARG A 84 -0.93 -11.62 28.78
C ARG A 84 -2.24 -12.17 29.31
N LEU A 85 -2.35 -12.31 30.63
CA LEU A 85 -3.64 -12.64 31.22
C LEU A 85 -4.61 -11.52 30.88
N SER A 86 -5.87 -11.88 30.67
CA SER A 86 -6.87 -10.89 30.34
C SER A 86 -7.22 -10.04 31.57
N CYS A 87 -7.64 -8.80 31.34
CA CYS A 87 -8.11 -7.95 32.41
C CYS A 87 -9.33 -8.59 33.05
N PRO A 88 -9.59 -8.28 34.33
CA PRO A 88 -10.77 -8.90 34.94
C PRO A 88 -12.06 -8.38 34.32
N GLY A 89 -13.08 -9.24 34.29
CA GLY A 89 -14.38 -8.90 33.76
C GLY A 89 -15.11 -10.18 33.48
N SER A 90 -16.42 -10.11 33.26
CA SER A 90 -17.19 -11.32 33.09
C SER A 90 -18.37 -11.16 32.12
N THR A 91 -18.47 -9.98 31.49
CA THR A 91 -19.46 -9.75 30.44
C THR A 91 -18.90 -8.76 29.42
N PHE A 92 -19.40 -8.82 28.19
CA PHE A 92 -19.08 -7.76 27.22
C PHE A 92 -20.13 -6.67 27.34
N GLN A 93 -19.79 -5.47 26.86
CA GLN A 93 -20.69 -4.33 26.80
C GLN A 93 -20.42 -3.55 25.53
N LYS A 94 -21.41 -2.78 25.08
CA LYS A 94 -21.24 -1.93 23.91
C LYS A 94 -20.17 -0.88 24.19
N ALA A 95 -19.18 -0.78 23.30
CA ALA A 95 -18.06 0.14 23.52
C ALA A 95 -18.12 1.36 22.62
N LEU A 96 -18.20 1.13 21.30
CA LEU A 96 -17.95 2.17 20.33
C LEU A 96 -18.55 1.80 18.99
N LEU A 97 -19.17 2.77 18.33
CA LEU A 97 -19.62 2.63 16.96
C LEU A 97 -18.80 3.54 16.04
N ILE A 98 -18.32 3.00 14.93
CA ILE A 98 -17.72 3.81 13.89
C ILE A 98 -18.63 3.72 12.68
N SER A 99 -19.46 4.74 12.51
CA SER A 99 -20.48 4.71 11.45
C SER A 99 -20.25 5.85 10.49
N PRO A 100 -19.30 5.68 9.56
CA PRO A 100 -18.83 6.81 8.76
C PRO A 100 -19.91 7.41 7.87
N HIS A 101 -20.87 6.59 7.46
CA HIS A 101 -21.86 7.03 6.48
C HIS A 101 -22.99 7.82 7.08
N ARG A 102 -22.92 8.02 8.40
CA ARG A 102 -23.77 8.99 9.07
C ARG A 102 -23.46 10.39 8.54
N PHE A 103 -22.32 10.55 7.89
CA PHE A 103 -21.92 11.86 7.36
C PHE A 103 -21.80 11.89 5.84
N GLY A 104 -22.34 10.87 5.18
CA GLY A 104 -22.21 10.72 3.74
C GLY A 104 -23.41 11.22 2.95
N GLU A 105 -24.22 12.10 3.55
CA GLU A 105 -25.38 12.64 2.84
C GLU A 105 -24.94 13.57 1.71
N THR A 106 -25.78 13.63 0.68
CA THR A 106 -25.55 14.57 -0.41
C THR A 106 -25.70 15.99 0.13
N LYS A 107 -26.51 16.16 1.17
CA LYS A 107 -26.65 17.45 1.84
C LYS A 107 -25.44 17.79 2.73
N GLY A 108 -24.56 16.81 2.94
CA GLY A 108 -23.42 16.98 3.84
C GLY A 108 -22.14 17.47 3.17
N ASN A 109 -21.08 17.59 3.96
CA ASN A 109 -19.79 18.03 3.45
C ASN A 109 -18.66 17.07 3.78
N SER A 110 -18.98 15.79 3.96
CA SER A 110 -17.96 14.84 4.38
C SER A 110 -17.67 13.80 3.31
N ALA A 111 -16.58 13.06 3.50
CA ALA A 111 -16.16 12.07 2.52
C ALA A 111 -15.78 10.72 3.15
N PRO A 112 -16.74 10.04 3.78
CA PRO A 112 -16.44 8.69 4.27
C PRO A 112 -16.06 7.77 3.12
N LEU A 113 -15.05 6.93 3.32
CA LEU A 113 -14.63 5.98 2.30
C LEU A 113 -15.57 4.81 2.19
N ILE A 114 -15.82 4.37 0.97
CA ILE A 114 -16.56 3.15 0.75
C ILE A 114 -15.66 1.94 1.03
N ILE A 115 -16.03 1.15 2.04
CA ILE A 115 -15.19 0.07 2.53
C ILE A 115 -16.00 -1.22 2.77
N ARG A 116 -15.30 -2.34 2.90
CA ARG A 116 -15.88 -3.55 3.49
C ARG A 116 -14.75 -4.32 4.15
N GLU A 117 -15.10 -5.42 4.81
CA GLU A 117 -14.15 -6.22 5.57
C GLU A 117 -13.27 -5.44 6.56
N PRO A 118 -13.89 -4.67 7.48
CA PRO A 118 -13.10 -3.97 8.49
C PRO A 118 -12.55 -4.93 9.52
N PHE A 119 -11.44 -4.56 10.16
CA PHE A 119 -10.98 -5.27 11.34
C PHE A 119 -10.11 -4.33 12.16
N ILE A 120 -9.72 -4.76 13.36
CA ILE A 120 -8.96 -3.92 14.26
C ILE A 120 -7.79 -4.71 14.82
N ALA A 121 -6.67 -4.03 15.03
CA ALA A 121 -5.50 -4.61 15.68
C ALA A 121 -4.81 -3.52 16.50
N CYS A 122 -4.37 -3.89 17.69
CA CYS A 122 -3.78 -2.92 18.60
C CYS A 122 -2.33 -3.30 18.89
N GLY A 123 -1.52 -2.31 19.18
CA GLY A 123 -0.17 -2.53 19.68
C GLY A 123 -0.05 -1.96 21.08
N PRO A 124 1.18 -1.77 21.56
CA PRO A 124 1.37 -1.23 22.92
C PRO A 124 0.75 0.15 23.11
N ASN A 125 0.65 0.97 22.07
CA ASN A 125 0.17 2.35 22.29
C ASN A 125 -1.10 2.78 21.57
N GLU A 126 -1.44 2.11 20.47
CA GLU A 126 -2.66 2.48 19.78
C GLU A 126 -3.33 1.32 19.07
N CYS A 127 -4.62 1.50 18.75
CA CYS A 127 -5.37 0.53 18.00
C CYS A 127 -5.58 1.12 16.63
N LYS A 128 -5.45 0.30 15.60
CA LYS A 128 -5.72 0.75 14.24
C LYS A 128 -6.97 0.05 13.70
N HIS A 129 -7.79 0.82 13.02
CA HIS A 129 -9.04 0.35 12.43
C HIS A 129 -8.81 0.19 10.94
N PHE A 130 -8.68 -1.06 10.47
CA PHE A 130 -8.37 -1.34 9.08
C PHE A 130 -9.64 -1.64 8.29
N ALA A 131 -9.56 -1.49 6.98
CA ALA A 131 -10.62 -1.99 6.08
C ALA A 131 -10.08 -2.06 4.66
N LEU A 132 -10.87 -2.64 3.78
CA LEU A 132 -10.53 -2.67 2.36
C LEU A 132 -11.46 -1.71 1.64
N THR A 133 -10.89 -0.64 1.09
CA THR A 133 -11.69 0.37 0.40
C THR A 133 -11.80 0.08 -1.08
N HIS A 134 -12.86 0.57 -1.70
CA HIS A 134 -13.00 0.53 -3.15
C HIS A 134 -12.48 1.82 -3.78
N TYR A 135 -11.79 2.62 -2.97
CA TYR A 135 -11.13 3.82 -3.47
C TYR A 135 -12.17 4.83 -3.96
N ALA A 136 -13.28 4.89 -3.24
CA ALA A 136 -14.40 5.73 -3.62
C ALA A 136 -15.01 6.29 -2.35
N ALA A 137 -15.66 7.45 -2.47
CA ALA A 137 -16.26 8.08 -1.30
C ALA A 137 -17.78 8.26 -1.48
N GLN A 138 -18.48 8.44 -0.37
CA GLN A 138 -19.89 8.84 -0.41
C GLN A 138 -20.01 10.21 0.24
N PRO A 139 -20.62 11.17 -0.47
CA PRO A 139 -21.15 11.04 -1.84
C PRO A 139 -20.06 11.03 -2.92
N GLY A 140 -20.35 10.39 -4.05
CA GLY A 140 -19.37 10.23 -5.10
C GLY A 140 -19.97 9.63 -6.35
N GLY A 141 -19.15 9.42 -7.38
CA GLY A 141 -19.67 8.91 -8.64
C GLY A 141 -19.12 7.55 -9.06
N TYR A 142 -18.51 6.83 -8.10
CA TYR A 142 -17.91 5.53 -8.40
C TYR A 142 -18.56 4.37 -7.62
N TYR A 143 -19.87 4.47 -7.36
CA TYR A 143 -20.59 3.44 -6.61
C TYR A 143 -20.63 2.10 -7.37
N ASN A 144 -20.68 2.17 -8.70
CA ASN A 144 -20.75 0.98 -9.53
C ASN A 144 -19.50 0.14 -9.35
N GLY A 145 -19.68 -1.06 -8.82
CA GLY A 145 -18.57 -1.96 -8.55
C GLY A 145 -18.32 -2.16 -7.07
N THR A 146 -18.95 -1.34 -6.24
CA THR A 146 -18.66 -1.36 -4.79
C THR A 146 -19.30 -2.54 -4.07
N ARG A 147 -20.15 -3.30 -4.75
CA ARG A 147 -20.72 -4.50 -4.15
C ARG A 147 -19.88 -5.73 -4.52
N GLY A 148 -18.93 -5.56 -5.43
CA GLY A 148 -18.01 -6.64 -5.78
C GLY A 148 -16.89 -6.76 -4.76
N ASP A 149 -16.09 -7.81 -4.86
CA ASP A 149 -15.06 -8.08 -3.87
C ASP A 149 -13.65 -7.73 -4.38
N ARG A 150 -13.37 -8.08 -5.64
CA ARG A 150 -12.01 -7.96 -6.13
C ARG A 150 -11.93 -7.11 -7.40
N ASN A 151 -10.98 -6.18 -7.40
CA ASN A 151 -10.69 -5.35 -8.56
C ASN A 151 -9.33 -4.71 -8.37
N LYS A 152 -8.90 -3.94 -9.38
CA LYS A 152 -7.56 -3.36 -9.38
C LYS A 152 -7.45 -2.10 -8.51
N LEU A 153 -8.54 -1.70 -7.86
CA LEU A 153 -8.51 -0.46 -7.09
C LEU A 153 -8.53 -0.68 -5.58
N ARG A 154 -8.90 -1.88 -5.13
CA ARG A 154 -9.04 -2.08 -3.68
C ARG A 154 -7.73 -1.94 -2.95
N HIS A 155 -7.80 -1.34 -1.77
CA HIS A 155 -6.62 -1.03 -0.99
C HIS A 155 -6.90 -1.28 0.47
N LEU A 156 -5.87 -1.66 1.19
CA LEU A 156 -5.95 -1.78 2.64
C LEU A 156 -5.69 -0.38 3.16
N ILE A 157 -6.63 0.14 3.95
CA ILE A 157 -6.48 1.45 4.58
C ILE A 157 -6.63 1.30 6.08
N SER A 158 -6.30 2.35 6.83
CA SER A 158 -6.54 2.35 8.27
C SER A 158 -6.63 3.77 8.81
N VAL A 159 -7.33 3.92 9.93
CA VAL A 159 -7.21 5.10 10.78
C VAL A 159 -6.96 4.63 12.20
N LYS A 160 -6.51 5.55 13.05
CA LYS A 160 -6.51 5.29 14.49
C LYS A 160 -7.94 4.99 14.92
N LEU A 161 -8.13 3.97 15.75
CA LEU A 161 -9.46 3.60 16.20
C LEU A 161 -10.05 4.78 16.98
N GLY A 162 -11.28 5.18 16.62
CA GLY A 162 -11.89 6.36 17.19
C GLY A 162 -12.01 7.48 16.17
N LYS A 163 -11.18 7.44 15.12
CA LYS A 163 -11.28 8.42 14.05
C LYS A 163 -12.22 7.92 12.95
N ILE A 164 -12.97 8.82 12.35
CA ILE A 164 -13.84 8.47 11.23
C ILE A 164 -12.98 8.23 9.97
N PRO A 165 -13.08 7.02 9.37
CA PRO A 165 -12.25 6.74 8.19
C PRO A 165 -12.75 7.42 6.91
N THR A 166 -12.31 8.66 6.72
CA THR A 166 -12.62 9.44 5.54
C THR A 166 -11.46 9.46 4.57
N VAL A 167 -11.67 10.09 3.42
CA VAL A 167 -10.62 10.30 2.44
C VAL A 167 -9.35 10.87 3.08
N GLU A 168 -9.53 11.91 3.90
CA GLU A 168 -8.38 12.59 4.49
C GLU A 168 -7.80 11.96 5.75
N ASN A 169 -8.64 11.42 6.63
CA ASN A 169 -8.14 10.79 7.87
C ASN A 169 -7.38 9.50 7.59
N SER A 170 -7.81 8.77 6.57
CA SER A 170 -7.28 7.44 6.31
C SER A 170 -5.86 7.49 5.78
N ILE A 171 -5.14 6.39 5.95
CA ILE A 171 -3.90 6.20 5.22
C ILE A 171 -4.02 4.91 4.39
N PHE A 172 -3.44 4.94 3.19
CA PHE A 172 -3.49 3.83 2.25
C PHE A 172 -2.18 3.04 2.37
N HIS A 173 -2.27 1.80 2.83
CA HIS A 173 -1.09 0.97 3.09
C HIS A 173 -0.57 0.26 1.84
N MET A 174 -1.46 -0.40 1.09
CA MET A 174 -1.06 -1.10 -0.11
C MET A 174 -2.29 -1.56 -0.90
N ALA A 175 -2.07 -1.88 -2.18
CA ALA A 175 -3.10 -2.46 -3.03
C ALA A 175 -3.46 -3.85 -2.52
N ALA A 176 -4.74 -4.09 -2.28
CA ALA A 176 -5.18 -5.36 -1.66
C ALA A 176 -6.69 -5.56 -1.78
N TRP A 177 -7.11 -6.78 -2.08
CA TRP A 177 -8.52 -7.14 -1.96
C TRP A 177 -8.77 -8.23 -0.91
N SER A 178 -7.73 -8.54 -0.15
CA SER A 178 -7.84 -9.38 1.04
C SER A 178 -6.73 -8.90 1.96
N GLY A 179 -7.00 -8.77 3.26
CA GLY A 179 -6.03 -8.16 4.15
C GLY A 179 -5.88 -8.72 5.56
N SER A 180 -4.82 -8.25 6.22
CA SER A 180 -4.58 -8.57 7.62
C SER A 180 -3.53 -7.58 8.10
N ALA A 181 -3.27 -7.56 9.41
CA ALA A 181 -2.22 -6.71 9.97
C ALA A 181 -2.03 -7.03 11.43
N CYS A 182 -0.84 -6.80 11.97
CA CYS A 182 -0.61 -7.04 13.39
C CYS A 182 0.68 -6.38 13.86
N HIS A 183 0.69 -6.02 15.15
CA HIS A 183 1.86 -5.41 15.75
C HIS A 183 2.63 -6.44 16.56
N ASP A 184 3.96 -6.44 16.43
CA ASP A 184 4.79 -7.43 17.12
C ASP A 184 5.46 -6.89 18.38
N GLY A 185 5.09 -5.67 18.75
CA GLY A 185 5.69 -5.00 19.90
C GLY A 185 6.70 -3.96 19.47
N LYS A 186 7.22 -4.08 18.25
CA LYS A 186 8.18 -3.11 17.76
C LYS A 186 7.67 -2.36 16.53
N GLU A 187 6.86 -3.02 15.71
CA GLU A 187 6.50 -2.48 14.41
C GLU A 187 5.23 -3.15 13.88
N TRP A 188 4.55 -2.48 12.96
CA TRP A 188 3.39 -3.04 12.25
C TRP A 188 3.79 -3.89 11.06
N THR A 189 3.15 -5.05 10.94
CA THR A 189 3.24 -5.86 9.74
C THR A 189 1.90 -5.70 9.02
N TYR A 190 1.92 -5.32 7.75
CA TYR A 190 0.69 -5.17 6.97
C TYR A 190 0.67 -6.28 5.92
N ILE A 191 -0.51 -6.86 5.69
CA ILE A 191 -0.67 -7.96 4.74
C ILE A 191 -1.77 -7.65 3.74
N GLY A 192 -1.47 -7.78 2.46
CA GLY A 192 -2.46 -7.51 1.42
C GLY A 192 -2.32 -8.46 0.26
N VAL A 193 -3.42 -9.05 -0.18
CA VAL A 193 -3.41 -9.90 -1.36
C VAL A 193 -4.07 -9.18 -2.52
N ASP A 194 -3.40 -9.16 -3.67
CA ASP A 194 -4.05 -8.73 -4.92
C ASP A 194 -3.56 -9.59 -6.09
N GLY A 195 -3.82 -9.14 -7.31
CA GLY A 195 -3.46 -9.91 -8.48
C GLY A 195 -4.68 -10.58 -9.08
N PRO A 196 -4.50 -11.31 -10.19
CA PRO A 196 -5.60 -12.02 -10.83
C PRO A 196 -6.04 -13.21 -9.99
N ASP A 197 -7.31 -13.59 -10.07
CA ASP A 197 -7.88 -14.66 -9.24
C ASP A 197 -7.04 -15.94 -9.23
N ASN A 198 -6.62 -16.37 -10.41
CA ASN A 198 -5.96 -17.66 -10.55
C ASN A 198 -4.45 -17.59 -10.29
N ASP A 199 -3.95 -16.42 -9.93
CA ASP A 199 -2.53 -16.22 -9.70
C ASP A 199 -2.30 -15.03 -8.79
N ALA A 200 -3.04 -15.01 -7.67
CA ALA A 200 -2.97 -13.91 -6.71
C ALA A 200 -1.68 -13.96 -5.90
N LEU A 201 -1.41 -12.89 -5.16
CA LEU A 201 -0.12 -12.65 -4.54
C LEU A 201 -0.30 -12.04 -3.17
N LEU A 202 0.19 -12.71 -2.12
CA LEU A 202 0.17 -12.11 -0.80
C LEU A 202 1.41 -11.23 -0.63
N LYS A 203 1.21 -9.99 -0.20
CA LYS A 203 2.31 -9.04 -0.04
C LYS A 203 2.50 -8.70 1.43
N VAL A 204 3.76 -8.72 1.88
CA VAL A 204 4.08 -8.38 3.27
C VAL A 204 4.78 -7.04 3.37
N LYS A 205 4.32 -6.20 4.29
CA LYS A 205 4.92 -4.90 4.49
C LYS A 205 5.25 -4.76 5.98
N TYR A 206 6.48 -4.36 6.28
CA TYR A 206 6.91 -4.14 7.65
C TYR A 206 7.21 -2.65 7.80
N GLY A 207 6.36 -1.92 8.52
CA GLY A 207 6.47 -0.48 8.58
C GLY A 207 6.21 0.10 7.21
N GLU A 208 7.16 0.89 6.70
CA GLU A 208 7.08 1.45 5.35
C GLU A 208 7.59 0.49 4.25
N ALA A 209 8.29 -0.58 4.64
CA ALA A 209 8.99 -1.42 3.65
C ALA A 209 8.22 -2.64 3.21
N TYR A 210 8.07 -2.80 1.90
CA TYR A 210 7.63 -4.07 1.32
C TYR A 210 8.77 -5.05 1.44
N THR A 211 8.52 -6.16 2.15
CA THR A 211 9.58 -7.08 2.55
C THR A 211 9.48 -8.48 1.97
N ASP A 212 8.27 -8.95 1.68
CA ASP A 212 8.13 -10.33 1.18
C ASP A 212 6.82 -10.54 0.44
N THR A 213 6.72 -11.68 -0.25
CA THR A 213 5.50 -12.09 -0.92
C THR A 213 5.31 -13.61 -0.80
N TYR A 214 4.09 -14.06 -1.03
CA TYR A 214 3.82 -15.49 -1.08
C TYR A 214 2.82 -15.77 -2.20
N HIS A 215 3.11 -16.80 -2.98
CA HIS A 215 2.38 -17.07 -4.22
C HIS A 215 1.22 -18.02 -4.05
N SER A 216 0.23 -17.86 -4.90
CA SER A 216 -0.89 -18.78 -5.02
C SER A 216 -0.36 -20.20 -5.21
N TYR A 217 -0.82 -21.14 -4.37
CA TYR A 217 -0.39 -22.53 -4.48
C TYR A 217 -1.43 -23.45 -5.11
N ALA A 218 -2.69 -23.02 -5.16
CA ALA A 218 -3.71 -23.81 -5.84
C ALA A 218 -4.15 -23.13 -7.13
N ASN A 219 -3.73 -21.88 -7.31
CA ASN A 219 -4.08 -21.12 -8.50
C ASN A 219 -5.59 -21.02 -8.72
N LYS A 220 -6.32 -20.83 -7.63
CA LYS A 220 -7.77 -20.68 -7.66
C LYS A 220 -8.18 -19.32 -7.12
N LEU A 221 -7.75 -19.01 -5.90
CA LEU A 221 -7.97 -17.71 -5.27
C LEU A 221 -7.25 -17.66 -3.93
N LEU A 222 -6.01 -17.21 -3.96
CA LEU A 222 -5.23 -16.99 -2.75
C LEU A 222 -5.89 -15.87 -1.95
N ARG A 223 -6.09 -16.10 -0.65
CA ARG A 223 -6.70 -15.09 0.22
C ARG A 223 -6.26 -15.23 1.68
N THR A 224 -6.58 -14.25 2.51
CA THR A 224 -6.13 -14.27 3.89
C THR A 224 -7.26 -13.96 4.88
N GLN A 225 -6.93 -13.57 6.11
CA GLN A 225 -7.90 -13.58 7.21
C GLN A 225 -9.05 -12.55 7.21
N GLU A 226 -8.79 -11.33 6.75
CA GLU A 226 -9.67 -10.19 7.01
C GLU A 226 -9.79 -9.89 8.51
N SER A 227 -8.73 -10.22 9.26
CA SER A 227 -8.62 -9.84 10.67
C SER A 227 -7.16 -9.93 11.11
N ALA A 228 -6.89 -9.50 12.34
CA ALA A 228 -5.52 -9.37 12.84
C ALA A 228 -4.74 -10.67 12.77
N CYS A 229 -3.45 -10.55 12.44
CA CYS A 229 -2.56 -11.69 12.60
C CYS A 229 -2.07 -11.66 14.05
N ASN A 230 -1.30 -12.65 14.46
CA ASN A 230 -0.96 -12.77 15.87
C ASN A 230 0.53 -12.98 16.11
N CYS A 231 1.16 -11.99 16.76
CA CYS A 231 2.62 -12.03 16.99
C CYS A 231 2.96 -12.43 18.41
N ILE A 232 4.01 -13.22 18.55
CA ILE A 232 4.53 -13.55 19.87
C ILE A 232 6.04 -13.66 19.77
N GLY A 233 6.75 -12.89 20.60
CA GLY A 233 8.20 -12.93 20.59
C GLY A 233 8.80 -12.57 19.24
N GLY A 234 8.09 -11.76 18.46
CA GLY A 234 8.59 -11.34 17.17
C GLY A 234 8.12 -12.20 16.01
N ASN A 235 7.54 -13.36 16.31
CA ASN A 235 7.00 -14.25 15.29
C ASN A 235 5.52 -14.01 15.10
N CYS A 236 5.13 -13.53 13.91
CA CYS A 236 3.72 -13.30 13.61
C CYS A 236 3.16 -14.44 12.77
N TYR A 237 2.01 -14.96 13.20
CA TYR A 237 1.37 -16.10 12.53
C TYR A 237 0.12 -15.67 11.77
N LEU A 238 -0.01 -16.17 10.56
CA LEU A 238 -1.05 -15.72 9.65
C LEU A 238 -1.68 -16.86 8.88
N MET A 239 -3.02 -16.93 8.86
CA MET A 239 -3.71 -17.89 7.99
C MET A 239 -3.73 -17.36 6.58
N ILE A 240 -3.45 -18.23 5.63
CA ILE A 240 -3.77 -17.98 4.23
C ILE A 240 -4.51 -19.19 3.70
N THR A 241 -5.25 -19.00 2.62
CA THR A 241 -5.86 -20.13 1.96
C THR A 241 -5.98 -19.90 0.45
N ASP A 242 -6.30 -20.96 -0.27
CA ASP A 242 -6.28 -20.93 -1.72
C ASP A 242 -7.10 -22.13 -2.16
N GLY A 243 -7.99 -21.92 -3.13
CA GLY A 243 -8.91 -22.94 -3.57
C GLY A 243 -10.24 -22.34 -4.01
N SER A 244 -11.09 -23.18 -4.60
CA SER A 244 -12.42 -22.76 -5.03
C SER A 244 -13.34 -22.40 -3.86
N ALA A 245 -14.14 -21.35 -4.04
CA ALA A 245 -15.09 -20.92 -3.01
C ALA A 245 -16.18 -21.95 -2.78
N SER A 246 -16.39 -22.81 -3.78
CA SER A 246 -17.44 -23.81 -3.71
C SER A 246 -16.87 -25.23 -3.69
N GLY A 247 -15.55 -25.34 -3.47
CA GLY A 247 -14.90 -26.64 -3.40
C GLY A 247 -13.83 -26.68 -2.33
N VAL A 248 -12.73 -27.39 -2.61
CA VAL A 248 -11.68 -27.54 -1.61
C VAL A 248 -10.81 -26.29 -1.45
N SER A 249 -10.68 -25.79 -0.23
CA SER A 249 -9.75 -24.70 0.06
C SER A 249 -8.92 -25.04 1.28
N GLU A 250 -7.77 -25.66 1.04
CA GLU A 250 -6.89 -26.13 2.09
C GLU A 250 -5.99 -24.98 2.55
N CYS A 251 -6.16 -24.52 3.78
CA CYS A 251 -5.42 -23.36 4.26
C CYS A 251 -3.98 -23.73 4.64
N ARG A 252 -3.14 -22.70 4.82
CA ARG A 252 -1.79 -22.88 5.36
C ARG A 252 -1.57 -21.78 6.36
N PHE A 253 -0.55 -21.92 7.20
CA PHE A 253 -0.14 -20.80 8.05
C PHE A 253 1.28 -20.34 7.71
N LEU A 254 1.46 -19.04 7.68
CA LEU A 254 2.78 -18.46 7.51
C LEU A 254 3.29 -17.95 8.86
N LYS A 255 4.53 -18.27 9.16
CA LYS A 255 5.23 -17.69 10.28
C LYS A 255 6.07 -16.54 9.71
N ILE A 256 5.84 -15.33 10.20
CA ILE A 256 6.45 -14.14 9.63
C ILE A 256 7.22 -13.35 10.68
N ARG A 257 8.51 -13.12 10.44
CA ARG A 257 9.35 -12.39 11.39
C ARG A 257 9.99 -11.17 10.75
N GLU A 258 9.67 -10.00 11.31
CA GLU A 258 10.15 -8.72 10.78
C GLU A 258 9.91 -8.60 9.27
N GLY A 259 8.71 -9.00 8.85
CA GLY A 259 8.26 -8.81 7.49
C GLY A 259 8.63 -9.93 6.54
N ARG A 260 9.35 -10.93 7.04
CA ARG A 260 9.80 -12.01 6.18
C ARG A 260 9.28 -13.38 6.62
N ILE A 261 8.77 -14.11 5.63
CA ILE A 261 8.21 -15.42 5.85
C ILE A 261 9.33 -16.41 6.15
N ILE A 262 9.37 -16.90 7.39
CA ILE A 262 10.46 -17.77 7.81
C ILE A 262 10.05 -19.23 7.95
N LYS A 263 8.75 -19.49 7.83
CA LYS A 263 8.27 -20.88 7.88
C LYS A 263 6.86 -21.00 7.31
N GLU A 264 6.60 -22.12 6.65
CA GLU A 264 5.27 -22.50 6.19
C GLU A 264 4.78 -23.63 7.08
N ILE A 265 3.52 -23.56 7.48
CA ILE A 265 2.95 -24.58 8.33
C ILE A 265 1.75 -25.22 7.63
N PHE A 266 1.80 -26.54 7.46
CA PHE A 266 0.74 -27.27 6.77
C PHE A 266 -0.08 -28.04 7.79
N PRO A 267 -1.32 -27.59 8.02
CA PRO A 267 -2.18 -28.20 9.03
C PRO A 267 -2.54 -29.65 8.71
N THR A 268 -2.80 -30.43 9.75
CA THR A 268 -3.30 -31.79 9.60
C THR A 268 -4.75 -31.82 10.06
N GLY A 269 -5.42 -32.93 9.83
CA GLY A 269 -6.79 -33.06 10.27
C GLY A 269 -7.83 -32.77 9.19
N ARG A 270 -8.91 -32.10 9.59
CA ARG A 270 -10.01 -31.77 8.69
C ARG A 270 -9.65 -30.49 7.95
N VAL A 271 -9.02 -30.64 6.78
CA VAL A 271 -8.43 -29.50 6.08
C VAL A 271 -9.16 -29.13 4.78
N LYS A 272 -10.27 -29.83 4.55
CA LYS A 272 -11.12 -29.72 3.35
C LYS A 272 -11.39 -28.29 2.88
N HIS A 273 -11.88 -27.45 3.79
CA HIS A 273 -12.14 -26.06 3.45
C HIS A 273 -12.04 -25.16 4.68
N THR A 274 -11.03 -24.29 4.69
CA THR A 274 -10.81 -23.36 5.78
C THR A 274 -10.46 -22.01 5.18
N GLU A 275 -11.23 -20.97 5.51
CA GLU A 275 -10.92 -19.62 5.05
C GLU A 275 -11.36 -18.60 6.10
N GLU A 276 -10.92 -17.36 5.93
CA GLU A 276 -11.35 -16.24 6.78
C GLU A 276 -11.20 -16.51 8.28
N CYS A 277 -10.07 -17.12 8.66
CA CYS A 277 -9.86 -17.49 10.05
C CYS A 277 -9.77 -16.25 10.95
N THR A 278 -10.46 -16.33 12.08
CA THR A 278 -10.32 -15.35 13.15
C THR A 278 -9.51 -16.00 14.25
N CYS A 279 -8.30 -15.51 14.49
CA CYS A 279 -7.35 -16.19 15.36
C CYS A 279 -6.92 -15.34 16.55
N GLY A 280 -6.52 -16.00 17.63
CA GLY A 280 -6.02 -15.32 18.80
C GLY A 280 -5.27 -16.28 19.69
N PHE A 281 -4.62 -15.74 20.72
CA PHE A 281 -3.84 -16.56 21.62
C PHE A 281 -4.69 -17.18 22.72
N ALA A 282 -4.69 -18.51 22.78
CA ALA A 282 -5.26 -19.20 23.93
C ALA A 282 -4.24 -19.18 25.07
N SER A 283 -2.97 -19.08 24.72
CA SER A 283 -1.87 -19.11 25.69
C SER A 283 -0.55 -18.76 25.00
N ASN A 284 0.56 -18.84 25.73
CA ASN A 284 1.87 -18.60 25.11
C ASN A 284 2.28 -19.72 24.15
N LYS A 285 1.50 -20.81 24.16
CA LYS A 285 1.85 -22.02 23.46
C LYS A 285 0.91 -22.24 22.28
N THR A 286 -0.31 -21.73 22.38
CA THR A 286 -1.34 -22.08 21.40
C THR A 286 -2.13 -20.90 20.84
N ILE A 287 -2.12 -20.79 19.51
CA ILE A 287 -3.06 -19.96 18.79
C ILE A 287 -4.24 -20.84 18.39
N GLU A 288 -5.45 -20.31 18.55
CA GLU A 288 -6.66 -20.97 18.06
C GLU A 288 -7.40 -20.07 17.06
N CYS A 289 -8.06 -20.67 16.07
CA CYS A 289 -8.83 -19.90 15.09
C CYS A 289 -10.22 -20.48 14.89
N ALA A 290 -11.20 -19.59 14.72
CA ALA A 290 -12.53 -19.96 14.27
C ALA A 290 -12.69 -19.47 12.84
N CYS A 291 -12.93 -20.41 11.92
CA CYS A 291 -12.87 -20.12 10.50
C CYS A 291 -14.19 -20.37 9.79
N ARG A 292 -14.17 -20.23 8.47
CA ARG A 292 -15.35 -20.40 7.66
C ARG A 292 -15.14 -21.53 6.66
N ASP A 293 -16.10 -22.46 6.60
CA ASP A 293 -16.14 -23.45 5.55
C ASP A 293 -17.24 -23.00 4.61
N ASN A 294 -16.86 -22.49 3.43
CA ASN A 294 -17.81 -21.92 2.49
C ASN A 294 -18.56 -22.95 1.62
N SER A 295 -18.22 -24.23 1.74
CA SER A 295 -18.88 -25.21 0.88
C SER A 295 -19.58 -26.40 1.55
N TYR A 296 -18.99 -26.94 2.61
CA TYR A 296 -19.44 -28.23 3.13
C TYR A 296 -20.24 -28.22 4.42
N THR A 297 -19.99 -27.23 5.28
CA THR A 297 -20.62 -27.27 6.60
C THR A 297 -20.90 -25.88 7.18
N ALA A 298 -21.82 -25.84 8.15
CA ALA A 298 -22.12 -24.62 8.90
C ALA A 298 -21.41 -24.62 10.25
N LYS A 299 -20.77 -25.73 10.59
CA LYS A 299 -19.88 -25.75 11.74
C LYS A 299 -18.64 -24.99 11.30
N ARG A 300 -17.99 -24.28 12.22
CA ARG A 300 -16.73 -23.60 11.90
C ARG A 300 -15.53 -24.51 12.08
N PRO A 301 -14.68 -24.63 11.05
CA PRO A 301 -13.37 -25.27 11.27
C PRO A 301 -12.61 -24.53 12.38
N PHE A 302 -12.08 -25.30 13.33
CA PHE A 302 -11.40 -24.74 14.48
C PHE A 302 -9.94 -25.19 14.44
N VAL A 303 -9.03 -24.23 14.31
CA VAL A 303 -7.61 -24.51 14.27
C VAL A 303 -6.97 -24.45 15.64
N LYS A 304 -6.13 -25.42 15.95
CA LYS A 304 -5.23 -25.29 17.09
C LYS A 304 -3.80 -25.29 16.55
N LEU A 305 -3.10 -24.20 16.76
CA LEU A 305 -1.76 -24.04 16.23
C LEU A 305 -0.76 -23.94 17.38
N ASN A 306 0.10 -24.95 17.48
CA ASN A 306 1.14 -24.98 18.51
C ASN A 306 2.31 -24.13 18.05
N VAL A 307 2.53 -23.06 18.79
CA VAL A 307 3.47 -22.02 18.43
C VAL A 307 4.91 -22.39 18.86
N GLU A 308 5.02 -23.35 19.77
CA GLU A 308 6.33 -23.92 20.15
C GLU A 308 6.87 -24.98 19.19
N THR A 309 6.00 -25.80 18.61
CA THR A 309 6.44 -26.80 17.63
C THR A 309 6.12 -26.37 16.20
N ASP A 310 5.34 -25.30 16.05
CA ASP A 310 4.96 -24.82 14.72
C ASP A 310 4.20 -25.90 13.94
N THR A 311 3.27 -26.55 14.61
CA THR A 311 2.39 -27.52 13.98
C THR A 311 0.95 -27.07 14.20
N ALA A 312 0.06 -27.45 13.29
CA ALA A 312 -1.34 -27.08 13.38
C ALA A 312 -2.23 -28.26 13.02
N GLU A 313 -3.39 -28.33 13.68
CA GLU A 313 -4.39 -29.34 13.39
C GLU A 313 -5.74 -28.65 13.35
N ILE A 314 -6.64 -29.15 12.50
CA ILE A 314 -7.95 -28.53 12.34
C ILE A 314 -9.02 -29.58 12.50
N ARG A 315 -10.06 -29.25 13.25
CA ARG A 315 -11.27 -30.05 13.35
C ARG A 315 -12.47 -29.12 13.40
N LEU A 316 -13.63 -29.60 12.97
CA LEU A 316 -14.86 -28.81 13.07
C LEU A 316 -15.18 -28.51 14.53
N MET A 317 -15.72 -27.33 14.81
CA MET A 317 -16.28 -27.09 16.14
C MET A 317 -17.46 -28.05 16.33
N CYS A 318 -17.56 -28.66 17.50
CA CYS A 318 -18.62 -29.64 17.73
C CYS A 318 -19.88 -29.04 18.36
N THR A 319 -19.83 -27.78 18.79
CA THR A 319 -20.94 -27.17 19.50
C THR A 319 -22.23 -27.21 18.66
N ASP A 320 -23.35 -27.59 19.29
CA ASP A 320 -24.68 -27.47 18.68
C ASP A 320 -24.96 -26.05 18.17
N THR A 321 -24.31 -25.05 18.78
CA THR A 321 -24.50 -23.66 18.42
C THR A 321 -23.69 -23.33 17.15
N TYR A 322 -24.16 -23.78 15.99
CA TYR A 322 -23.38 -23.57 14.76
C TYR A 322 -23.18 -22.07 14.51
N LEU A 323 -21.95 -21.65 14.25
CA LEU A 323 -21.64 -20.21 14.18
C LEU A 323 -21.68 -19.58 12.80
N ASP A 324 -21.81 -20.39 11.76
CA ASP A 324 -21.81 -19.88 10.40
C ASP A 324 -23.19 -19.37 9.99
N THR A 325 -23.25 -18.72 8.82
CA THR A 325 -24.48 -18.26 8.22
C THR A 325 -24.32 -18.44 6.72
N PRO A 326 -25.21 -19.21 6.08
CA PRO A 326 -26.41 -19.83 6.68
C PRO A 326 -26.09 -21.06 7.51
N ARG A 327 -27.11 -21.58 8.20
CA ARG A 327 -26.93 -22.74 9.04
C ARG A 327 -28.28 -23.38 9.29
N PRO A 328 -28.29 -24.67 9.60
CA PRO A 328 -29.54 -25.30 9.99
C PRO A 328 -29.76 -25.06 11.49
N ASP A 329 -30.90 -25.50 12.02
CA ASP A 329 -31.20 -25.35 13.44
C ASP A 329 -30.10 -25.93 14.35
N ASP A 330 -29.92 -25.33 15.52
CA ASP A 330 -28.93 -25.78 16.48
C ASP A 330 -29.11 -27.26 16.82
N GLY A 331 -27.99 -27.98 16.94
CA GLY A 331 -28.06 -29.38 17.27
C GLY A 331 -28.66 -30.30 16.22
N SER A 332 -29.05 -29.79 15.06
CA SER A 332 -29.78 -30.64 14.12
C SER A 332 -28.88 -31.49 13.23
N ILE A 333 -27.59 -31.23 13.28
CA ILE A 333 -26.64 -32.06 12.55
C ILE A 333 -26.32 -33.28 13.39
N THR A 334 -26.86 -34.42 12.99
CA THR A 334 -26.73 -35.64 13.76
C THR A 334 -25.44 -36.40 13.43
N GLY A 335 -25.07 -37.30 14.33
CA GLY A 335 -23.83 -38.04 14.21
C GLY A 335 -22.70 -37.42 15.00
N PRO A 336 -21.48 -37.94 14.83
CA PRO A 336 -20.26 -37.55 15.54
C PRO A 336 -19.89 -36.10 15.25
N CYS A 337 -18.98 -35.57 16.04
CA CYS A 337 -18.60 -34.17 15.92
C CYS A 337 -18.18 -33.76 14.51
N GLU A 338 -17.60 -34.68 13.74
CA GLU A 338 -17.08 -34.32 12.42
C GLU A 338 -18.11 -34.31 11.29
N SER A 339 -19.35 -34.72 11.57
CA SER A 339 -20.41 -34.73 10.55
C SER A 339 -20.65 -33.33 9.99
N ASN A 340 -20.68 -33.21 8.67
CA ASN A 340 -20.79 -31.93 7.99
C ASN A 340 -22.19 -31.33 8.08
N GLY A 341 -23.19 -32.15 7.79
CA GLY A 341 -24.58 -31.71 7.81
C GLY A 341 -25.03 -30.85 6.64
N ASP A 342 -26.16 -30.20 6.83
CA ASP A 342 -26.90 -29.50 5.78
C ASP A 342 -26.63 -27.99 5.75
N LYS A 343 -26.97 -27.35 4.63
CA LYS A 343 -26.82 -25.89 4.45
C LYS A 343 -25.37 -25.44 4.68
N GLY A 344 -24.43 -26.28 4.31
CA GLY A 344 -23.03 -25.97 4.50
C GLY A 344 -22.48 -25.01 3.46
N SER A 345 -23.14 -24.94 2.31
CA SER A 345 -22.70 -24.04 1.25
C SER A 345 -22.88 -22.58 1.67
N GLY A 346 -21.94 -21.72 1.29
CA GLY A 346 -21.97 -20.34 1.72
C GLY A 346 -21.36 -20.22 3.10
N GLY A 347 -21.28 -19.01 3.63
CA GLY A 347 -20.72 -18.83 4.95
C GLY A 347 -20.52 -17.37 5.33
N ILE A 348 -19.84 -17.15 6.45
CA ILE A 348 -19.56 -15.80 6.91
C ILE A 348 -18.37 -15.81 7.88
N LYS A 349 -17.55 -14.78 7.85
CA LYS A 349 -16.44 -14.69 8.80
C LYS A 349 -17.00 -14.42 10.19
N GLY A 350 -16.47 -15.11 11.19
CA GLY A 350 -17.07 -15.07 12.52
C GLY A 350 -16.15 -14.53 13.60
N GLY A 351 -16.73 -13.77 14.52
CA GLY A 351 -15.97 -13.23 15.64
C GLY A 351 -15.53 -14.31 16.61
N PHE A 352 -14.38 -14.12 17.24
CA PHE A 352 -13.82 -15.09 18.16
C PHE A 352 -12.67 -14.45 18.92
N VAL A 353 -12.68 -14.54 20.23
CA VAL A 353 -11.63 -13.91 21.03
C VAL A 353 -11.51 -14.63 22.38
N HIS A 354 -10.28 -14.66 22.91
CA HIS A 354 -9.97 -15.37 24.15
C HIS A 354 -9.98 -14.50 25.39
N GLN A 355 -10.57 -15.01 26.47
CA GLN A 355 -10.40 -14.44 27.79
C GLN A 355 -9.49 -15.38 28.59
N ARG A 356 -8.22 -14.99 28.73
CA ARG A 356 -7.23 -15.84 29.39
C ARG A 356 -7.17 -15.58 30.89
N MET A 357 -7.44 -16.62 31.67
CA MET A 357 -7.38 -16.50 33.12
C MET A 357 -6.39 -17.51 33.66
N GLU A 358 -6.11 -17.44 34.96
CA GLU A 358 -5.03 -18.25 35.54
C GLU A 358 -5.20 -19.75 35.32
N SER A 359 -6.39 -20.28 35.54
CA SER A 359 -6.59 -21.71 35.38
C SER A 359 -7.88 -22.00 34.62
N LYS A 360 -8.19 -21.15 33.64
CA LYS A 360 -9.48 -21.15 33.00
C LYS A 360 -9.42 -20.31 31.74
N ILE A 361 -9.99 -20.81 30.65
CA ILE A 361 -9.99 -20.05 29.41
C ILE A 361 -11.42 -19.80 28.92
N GLY A 362 -11.75 -18.53 28.71
CA GLY A 362 -13.02 -18.18 28.12
C GLY A 362 -12.93 -18.03 26.61
N ARG A 363 -13.87 -18.66 25.90
CA ARG A 363 -13.95 -18.50 24.45
C ARG A 363 -15.26 -17.82 24.08
N TRP A 364 -15.13 -16.64 23.48
CA TRP A 364 -16.25 -15.79 23.12
C TRP A 364 -16.43 -15.80 21.61
N TYR A 365 -17.67 -15.91 21.16
CA TYR A 365 -17.95 -15.99 19.74
C TYR A 365 -19.13 -15.12 19.39
N SER A 366 -19.27 -14.82 18.10
CA SER A 366 -20.46 -14.13 17.61
C SER A 366 -21.02 -14.81 16.37
N ARG A 367 -22.35 -14.74 16.23
CA ARG A 367 -23.02 -15.23 15.03
C ARG A 367 -24.27 -14.41 14.80
N THR A 368 -24.69 -14.32 13.54
CA THR A 368 -25.88 -13.55 13.16
C THR A 368 -27.11 -14.07 13.89
N MET A 369 -28.06 -13.20 14.15
CA MET A 369 -29.29 -13.62 14.81
C MET A 369 -30.16 -14.43 13.83
N SER A 370 -30.08 -14.11 12.54
CA SER A 370 -30.80 -14.88 11.53
C SER A 370 -30.00 -16.13 11.12
N LYS A 371 -30.72 -17.22 10.85
CA LYS A 371 -30.05 -18.45 10.45
C LYS A 371 -29.61 -18.43 8.99
N THR A 372 -30.26 -17.61 8.17
CA THR A 372 -30.03 -17.62 6.73
C THR A 372 -29.52 -16.28 6.19
N GLU A 373 -29.77 -15.20 6.92
CA GLU A 373 -29.44 -13.86 6.44
C GLU A 373 -28.39 -13.17 7.29
N ARG A 374 -27.69 -12.21 6.68
CA ARG A 374 -26.70 -11.43 7.41
C ARG A 374 -27.37 -10.29 8.18
N MET A 375 -28.17 -10.68 9.17
CA MET A 375 -28.96 -9.77 9.98
C MET A 375 -28.71 -10.08 11.45
N GLY A 376 -28.46 -9.04 12.23
CA GLY A 376 -28.23 -9.21 13.65
C GLY A 376 -26.89 -9.83 13.96
N MET A 377 -26.51 -9.77 15.23
CA MET A 377 -25.28 -10.39 15.70
C MET A 377 -25.42 -10.64 17.20
N GLY A 378 -25.27 -11.89 17.60
CA GLY A 378 -25.39 -12.27 19.00
C GLY A 378 -24.03 -12.69 19.52
N LEU A 379 -23.84 -12.53 20.82
CA LEU A 379 -22.57 -12.88 21.47
C LEU A 379 -22.76 -14.15 22.26
N TYR A 380 -21.73 -15.00 22.30
CA TYR A 380 -21.82 -16.28 23.00
C TYR A 380 -20.54 -16.52 23.77
N VAL A 381 -20.60 -17.32 24.84
CA VAL A 381 -19.38 -17.70 25.55
C VAL A 381 -19.40 -19.15 26.06
N LYS A 382 -18.22 -19.76 26.11
CA LYS A 382 -18.06 -21.03 26.81
C LYS A 382 -16.66 -21.11 27.40
N TYR A 383 -16.59 -21.64 28.62
CA TYR A 383 -15.33 -21.75 29.33
C TYR A 383 -14.77 -23.17 29.25
N ASP A 384 -13.51 -23.29 28.86
CA ASP A 384 -12.78 -24.56 28.87
C ASP A 384 -13.34 -25.65 27.94
N GLY A 385 -13.05 -26.91 28.27
CA GLY A 385 -13.44 -28.03 27.44
C GLY A 385 -12.63 -28.10 26.15
N ASP A 386 -13.07 -28.94 25.23
CA ASP A 386 -12.41 -29.08 23.93
C ASP A 386 -13.41 -28.78 22.82
N PRO A 387 -13.26 -27.61 22.15
CA PRO A 387 -14.20 -27.20 21.11
C PRO A 387 -14.39 -28.25 20.01
N TRP A 388 -13.39 -29.10 19.82
CA TRP A 388 -13.49 -30.18 18.84
C TRP A 388 -14.43 -31.32 19.27
N ALA A 389 -14.63 -31.49 20.57
CA ALA A 389 -15.33 -32.66 21.06
C ALA A 389 -16.62 -32.36 21.83
N ASP A 390 -16.89 -31.06 22.04
CA ASP A 390 -17.97 -30.64 22.92
C ASP A 390 -19.20 -30.18 22.15
N SER A 391 -20.31 -30.91 22.30
CA SER A 391 -21.55 -30.58 21.61
C SER A 391 -22.42 -29.58 22.36
N ASP A 392 -22.15 -29.37 23.65
CA ASP A 392 -22.99 -28.46 24.43
C ASP A 392 -23.05 -27.06 23.80
N ALA A 393 -24.25 -26.48 23.83
CA ALA A 393 -24.48 -25.14 23.36
C ALA A 393 -23.57 -24.16 24.07
N LEU A 394 -23.07 -23.18 23.33
CA LEU A 394 -22.40 -22.04 23.95
C LEU A 394 -23.46 -21.21 24.66
N ALA A 395 -23.08 -20.49 25.72
CA ALA A 395 -24.05 -19.69 26.47
C ALA A 395 -24.35 -18.37 25.76
N PHE A 396 -25.62 -18.10 25.48
CA PHE A 396 -26.00 -16.81 24.90
C PHE A 396 -25.66 -15.67 25.85
N SER A 397 -24.97 -14.65 25.33
CA SER A 397 -24.43 -13.58 26.15
C SER A 397 -24.76 -12.20 25.60
N GLY A 398 -25.85 -12.11 24.85
CA GLY A 398 -26.42 -10.82 24.52
C GLY A 398 -26.55 -10.47 23.06
N VAL A 399 -27.56 -9.66 22.77
CA VAL A 399 -27.80 -9.16 21.43
C VAL A 399 -26.94 -7.94 21.19
N MET A 400 -25.91 -8.08 20.37
CA MET A 400 -25.07 -6.95 20.06
C MET A 400 -25.70 -6.11 18.96
N VAL A 401 -26.37 -6.79 18.04
CA VAL A 401 -27.06 -6.12 16.93
C VAL A 401 -28.36 -6.85 16.72
N SER A 402 -29.49 -6.15 16.79
CA SER A 402 -30.76 -6.84 16.68
C SER A 402 -30.99 -7.30 15.25
N MET A 403 -31.91 -8.24 15.05
CA MET A 403 -32.16 -8.77 13.71
C MET A 403 -32.66 -7.72 12.71
N LYS A 404 -33.06 -6.55 13.21
CA LYS A 404 -33.53 -5.48 12.35
C LYS A 404 -32.37 -4.81 11.60
N GLU A 405 -31.15 -4.97 12.12
CA GLU A 405 -29.95 -4.32 11.58
C GLU A 405 -29.01 -5.32 10.88
N PRO A 406 -28.16 -4.84 9.95
CA PRO A 406 -27.27 -5.78 9.25
C PRO A 406 -26.17 -6.30 10.17
N GLY A 407 -25.88 -7.60 10.07
CA GLY A 407 -24.81 -8.22 10.80
C GLY A 407 -23.98 -9.04 9.83
N TRP A 408 -22.83 -8.50 9.44
CA TRP A 408 -21.98 -9.17 8.44
C TRP A 408 -20.73 -9.80 9.07
N TYR A 409 -19.54 -9.53 8.55
CA TYR A 409 -18.33 -10.13 9.11
C TYR A 409 -18.12 -9.70 10.56
N SER A 410 -17.56 -10.57 11.38
CA SER A 410 -17.19 -10.18 12.73
C SER A 410 -15.81 -10.75 13.04
N PHE A 411 -15.15 -10.15 14.02
CA PHE A 411 -13.76 -10.48 14.28
C PHE A 411 -13.42 -10.19 15.73
N GLY A 412 -12.38 -10.84 16.23
CA GLY A 412 -11.89 -10.55 17.57
C GLY A 412 -10.62 -9.71 17.53
N PHE A 413 -10.38 -9.01 18.62
CA PHE A 413 -9.13 -8.30 18.82
C PHE A 413 -8.91 -8.00 20.30
N GLU A 414 -7.70 -7.61 20.67
CA GLU A 414 -7.38 -7.29 22.06
C GLU A 414 -6.73 -5.92 22.22
N ILE A 415 -7.20 -5.17 23.21
CA ILE A 415 -6.63 -3.87 23.51
C ILE A 415 -5.66 -4.06 24.65
N LYS A 416 -4.52 -3.36 24.61
CA LYS A 416 -3.52 -3.52 25.65
C LYS A 416 -3.69 -2.49 26.77
N ASP A 417 -4.11 -2.96 27.94
CA ASP A 417 -4.15 -2.14 29.14
C ASP A 417 -2.72 -2.11 29.70
N LYS A 418 -2.53 -1.41 30.81
CA LYS A 418 -1.21 -1.26 31.39
C LYS A 418 -0.57 -2.64 31.64
N GLU A 419 -1.34 -3.57 32.18
CA GLU A 419 -0.76 -4.82 32.67
C GLU A 419 -1.53 -6.06 32.23
N CYS A 420 -2.61 -5.86 31.48
CA CYS A 420 -3.45 -6.98 31.08
C CYS A 420 -4.13 -6.68 29.76
N ASP A 421 -4.71 -7.71 29.14
CA ASP A 421 -5.30 -7.57 27.82
C ASP A 421 -6.82 -7.56 27.87
N VAL A 422 -7.45 -6.68 27.09
CA VAL A 422 -8.90 -6.61 27.05
C VAL A 422 -9.43 -7.22 25.75
N PRO A 423 -10.18 -8.32 25.84
CA PRO A 423 -10.72 -8.92 24.62
C PRO A 423 -11.97 -8.22 24.10
N CYS A 424 -12.07 -8.14 22.78
CA CYS A 424 -13.16 -7.44 22.12
C CYS A 424 -13.63 -8.20 20.88
N ILE A 425 -14.84 -7.89 20.44
CA ILE A 425 -15.34 -8.37 19.16
C ILE A 425 -15.88 -7.19 18.37
N GLY A 426 -15.48 -7.09 17.10
CA GLY A 426 -15.96 -6.04 16.21
C GLY A 426 -16.93 -6.64 15.21
N ILE A 427 -17.85 -5.82 14.73
CA ILE A 427 -18.92 -6.30 13.86
C ILE A 427 -19.04 -5.37 12.66
N GLU A 428 -18.84 -5.92 11.46
CA GLU A 428 -19.08 -5.20 10.23
C GLU A 428 -20.58 -5.10 10.01
N MET A 429 -21.10 -3.88 9.86
CA MET A 429 -22.53 -3.68 9.64
C MET A 429 -22.73 -3.03 8.28
N VAL A 430 -22.96 -3.87 7.27
CA VAL A 430 -22.96 -3.43 5.89
C VAL A 430 -24.25 -2.70 5.50
N HIS A 431 -24.07 -1.58 4.80
CA HIS A 431 -25.19 -0.88 4.19
C HIS A 431 -25.40 -1.47 2.81
N ASP A 432 -26.38 -2.35 2.68
CA ASP A 432 -26.61 -3.03 1.41
C ASP A 432 -27.93 -2.59 0.77
N GLY A 433 -27.82 -1.81 -0.30
CA GLY A 433 -29.00 -1.43 -1.06
C GLY A 433 -28.97 -2.09 -2.43
N GLY A 434 -28.19 -3.15 -2.56
CA GLY A 434 -28.05 -3.83 -3.83
C GLY A 434 -27.04 -3.12 -4.72
N LYS A 435 -26.91 -3.58 -5.96
CA LYS A 435 -25.82 -3.13 -6.83
C LYS A 435 -26.10 -1.80 -7.53
N GLU A 436 -27.34 -1.33 -7.47
CA GLU A 436 -27.68 -0.06 -8.10
C GLU A 436 -27.30 1.16 -7.25
N THR A 437 -26.65 0.93 -6.11
CA THR A 437 -26.25 2.06 -5.27
C THR A 437 -24.94 1.75 -4.54
N TRP A 438 -24.51 2.63 -3.65
CA TRP A 438 -23.26 2.42 -2.91
C TRP A 438 -23.39 1.27 -1.93
N HIS A 439 -22.26 0.68 -1.57
CA HIS A 439 -22.23 -0.50 -0.73
C HIS A 439 -21.04 -0.34 0.20
N SER A 440 -21.29 -0.19 1.49
CA SER A 440 -20.21 0.03 2.44
C SER A 440 -20.60 -0.47 3.83
N ALA A 441 -19.92 -0.01 4.87
CA ALA A 441 -20.14 -0.59 6.20
C ALA A 441 -19.73 0.28 7.38
N ALA A 442 -20.47 0.12 8.47
CA ALA A 442 -20.07 0.63 9.77
C ALA A 442 -19.39 -0.48 10.57
N THR A 443 -18.74 -0.10 11.66
CA THR A 443 -18.10 -1.07 12.56
C THR A 443 -18.55 -0.86 14.01
N ALA A 444 -19.14 -1.89 14.62
CA ALA A 444 -19.52 -1.82 16.03
C ALA A 444 -18.49 -2.57 16.86
N ILE A 445 -18.21 -2.05 18.06
CA ILE A 445 -17.25 -2.70 18.94
C ILE A 445 -17.84 -3.02 20.32
N TYR A 446 -17.70 -4.28 20.73
CA TYR A 446 -18.02 -4.74 22.08
C TYR A 446 -16.76 -5.28 22.76
N CYS A 447 -16.58 -4.92 24.03
CA CYS A 447 -15.42 -5.41 24.78
C CYS A 447 -15.82 -5.99 26.13
N LEU A 448 -15.00 -6.92 26.62
CA LEU A 448 -15.13 -7.36 27.99
C LEU A 448 -15.03 -6.12 28.90
N MET A 449 -16.03 -5.91 29.74
CA MET A 449 -15.93 -4.88 30.76
C MET A 449 -16.97 -5.05 31.86
N GLY A 450 -16.47 -5.16 33.09
CA GLY A 450 -17.30 -5.27 34.28
C GLY A 450 -18.01 -6.60 34.36
N SER A 451 -19.08 -6.62 35.13
CA SER A 451 -19.81 -7.84 35.41
C SER A 451 -21.25 -7.66 34.96
N GLY A 452 -22.04 -8.73 35.10
CA GLY A 452 -23.46 -8.63 34.79
C GLY A 452 -23.79 -9.19 33.42
N GLN A 453 -24.67 -8.49 32.72
CA GLN A 453 -25.10 -8.94 31.41
C GLN A 453 -24.98 -7.81 30.41
N LEU A 454 -24.81 -8.17 29.14
CA LEU A 454 -24.67 -7.19 28.06
C LEU A 454 -25.96 -6.38 27.98
N LEU A 455 -25.84 -5.06 27.94
CA LEU A 455 -27.03 -4.21 28.15
C LEU A 455 -27.66 -3.52 26.94
N TRP A 456 -26.89 -3.18 25.90
CA TRP A 456 -27.46 -2.44 24.77
C TRP A 456 -26.92 -2.88 23.43
N ASP A 457 -27.77 -2.76 22.42
CA ASP A 457 -27.44 -3.12 21.04
C ASP A 457 -27.00 -1.89 20.24
N THR A 458 -26.65 -2.12 18.98
CA THR A 458 -26.05 -1.10 18.13
C THR A 458 -26.81 -0.97 16.83
N VAL A 459 -27.05 0.26 16.40
CA VAL A 459 -27.65 0.54 15.10
C VAL A 459 -26.70 1.43 14.31
N THR A 460 -26.75 1.40 12.98
CA THR A 460 -25.88 2.27 12.20
C THR A 460 -26.44 3.68 12.12
N GLY A 461 -27.77 3.80 12.22
CA GLY A 461 -28.42 5.09 12.08
C GLY A 461 -28.43 5.62 10.65
N VAL A 462 -28.01 4.82 9.67
CA VAL A 462 -27.90 5.31 8.29
C VAL A 462 -29.15 5.07 7.45
N ASP A 463 -29.64 6.14 6.83
CA ASP A 463 -30.68 6.04 5.82
C ASP A 463 -29.98 6.12 4.47
N MET A 464 -29.97 5.01 3.73
CA MET A 464 -29.21 4.92 2.49
C MET A 464 -29.73 5.83 1.39
N ALA A 465 -30.93 6.36 1.55
CA ALA A 465 -31.50 7.24 0.54
C ALA A 465 -30.89 8.65 0.60
N LEU A 466 -30.21 8.97 1.70
CA LEU A 466 -29.78 10.36 1.91
C LEU A 466 -28.47 10.67 1.19
N GLU B 77 23.50 9.60 16.80
CA GLU B 77 22.04 9.66 16.79
C GLU B 77 21.55 11.09 16.64
N PRO B 78 20.92 11.41 15.49
CA PRO B 78 20.81 10.50 14.35
C PRO B 78 22.09 10.48 13.52
N GLU B 79 22.30 9.41 12.77
CA GLU B 79 23.49 9.26 11.94
C GLU B 79 23.19 9.60 10.48
N TRP B 80 24.24 9.95 9.73
CA TRP B 80 24.13 10.13 8.29
C TRP B 80 23.71 8.78 7.70
N THR B 81 22.88 8.80 6.68
CA THR B 81 22.59 7.54 6.01
C THR B 81 23.54 7.31 4.83
N TYR B 82 23.66 6.03 4.45
CA TYR B 82 24.47 5.58 3.34
C TYR B 82 23.65 4.55 2.60
N PRO B 83 23.90 4.37 1.29
CA PRO B 83 23.22 3.26 0.61
C PRO B 83 23.66 1.92 1.19
N ARG B 84 22.73 1.00 1.35
CA ARG B 84 23.04 -0.33 1.88
C ARG B 84 22.75 -1.36 0.80
N LEU B 85 23.11 -2.62 1.04
CA LEU B 85 22.73 -3.68 0.13
C LEU B 85 21.22 -3.71 0.05
N SER B 86 20.69 -4.06 -1.11
CA SER B 86 19.25 -4.14 -1.26
C SER B 86 18.68 -5.33 -0.49
N CYS B 87 17.39 -5.25 -0.18
CA CYS B 87 16.71 -6.37 0.45
C CYS B 87 16.59 -7.51 -0.57
N PRO B 88 16.48 -8.74 -0.09
CA PRO B 88 16.37 -9.87 -1.02
C PRO B 88 15.10 -9.78 -1.85
N GLY B 89 15.16 -10.29 -3.08
CA GLY B 89 14.03 -10.27 -3.99
C GLY B 89 14.52 -10.41 -5.42
N SER B 90 13.61 -10.73 -6.35
CA SER B 90 14.01 -10.92 -7.74
C SER B 90 12.95 -10.45 -8.73
N THR B 91 11.83 -9.94 -8.24
CA THR B 91 10.79 -9.39 -9.10
C THR B 91 10.15 -8.18 -8.44
N PHE B 92 9.63 -7.25 -9.24
CA PHE B 92 8.83 -6.15 -8.70
C PHE B 92 7.39 -6.65 -8.64
N GLN B 93 6.56 -5.97 -7.83
CA GLN B 93 5.13 -6.24 -7.79
C GLN B 93 4.40 -4.94 -7.52
N LYS B 94 3.13 -4.89 -7.92
CA LYS B 94 2.26 -3.77 -7.60
C LYS B 94 2.18 -3.52 -6.10
N ALA B 95 2.50 -2.30 -5.68
CA ALA B 95 2.53 -1.98 -4.25
C ALA B 95 1.40 -1.06 -3.81
N LEU B 96 1.28 0.11 -4.45
CA LEU B 96 0.37 1.13 -3.96
C LEU B 96 -0.04 2.11 -5.06
N LEU B 97 -1.29 2.51 -5.04
CA LEU B 97 -1.80 3.54 -5.93
C LEU B 97 -2.31 4.74 -5.11
N ILE B 98 -1.77 5.91 -5.41
CA ILE B 98 -2.28 7.17 -4.88
C ILE B 98 -3.04 7.88 -6.02
N SER B 99 -4.36 7.88 -5.92
CA SER B 99 -5.18 8.37 -7.01
C SER B 99 -6.21 9.37 -6.46
N PRO B 100 -5.75 10.61 -6.25
CA PRO B 100 -6.55 11.57 -5.48
C PRO B 100 -7.79 12.02 -6.22
N HIS B 101 -7.79 11.90 -7.54
CA HIS B 101 -8.92 12.37 -8.33
C HIS B 101 -10.07 11.38 -8.42
N ARG B 102 -9.89 10.23 -7.78
CA ARG B 102 -11.01 9.34 -7.47
C ARG B 102 -11.99 10.04 -6.51
N PHE B 103 -11.58 11.16 -5.93
CA PHE B 103 -12.41 11.87 -4.96
C PHE B 103 -12.72 13.31 -5.38
N GLY B 104 -12.46 13.63 -6.64
CA GLY B 104 -12.65 14.98 -7.13
C GLY B 104 -13.95 15.26 -7.90
N GLU B 105 -14.95 14.38 -7.79
CA GLU B 105 -16.21 14.56 -8.53
C GLU B 105 -16.92 15.82 -8.06
N THR B 106 -17.73 16.42 -8.93
CA THR B 106 -18.54 17.56 -8.50
C THR B 106 -19.58 17.12 -7.46
N LYS B 107 -20.01 15.86 -7.53
CA LYS B 107 -20.91 15.27 -6.52
C LYS B 107 -20.24 15.05 -5.17
N GLY B 108 -18.91 15.07 -5.12
CA GLY B 108 -18.17 14.75 -3.92
C GLY B 108 -17.86 15.92 -3.00
N ASN B 109 -17.17 15.65 -1.91
CA ASN B 109 -16.89 16.67 -0.91
C ASN B 109 -15.40 16.76 -0.57
N SER B 110 -14.55 16.43 -1.54
CA SER B 110 -13.11 16.42 -1.28
C SER B 110 -12.40 17.50 -2.09
N ALA B 111 -11.13 17.71 -1.78
CA ALA B 111 -10.32 18.72 -2.46
C ALA B 111 -8.91 18.21 -2.80
N PRO B 112 -8.81 17.18 -3.68
CA PRO B 112 -7.48 16.78 -4.15
C PRO B 112 -6.77 17.93 -4.86
N LEU B 113 -5.46 18.06 -4.65
CA LEU B 113 -4.71 19.13 -5.30
C LEU B 113 -4.42 18.76 -6.76
N ILE B 114 -4.52 19.75 -7.64
CA ILE B 114 -4.12 19.59 -9.02
C ILE B 114 -2.59 19.65 -9.09
N ILE B 115 -1.97 18.57 -9.55
CA ILE B 115 -0.52 18.45 -9.50
C ILE B 115 0.03 17.80 -10.77
N ARG B 116 1.34 17.84 -10.92
CA ARG B 116 2.06 17.01 -11.89
C ARG B 116 3.48 16.83 -11.37
N GLU B 117 4.28 16.03 -12.07
CA GLU B 117 5.64 15.71 -11.64
C GLU B 117 5.73 15.17 -10.19
N PRO B 118 4.97 14.12 -9.88
CA PRO B 118 5.10 13.57 -8.53
C PRO B 118 6.41 12.81 -8.40
N PHE B 119 6.94 12.74 -7.18
CA PHE B 119 8.03 11.82 -6.88
C PHE B 119 7.98 11.45 -5.41
N ILE B 120 8.79 10.47 -5.03
CA ILE B 120 8.81 10.00 -3.65
C ILE B 120 10.25 9.99 -3.17
N ALA B 121 10.44 10.36 -1.91
CA ALA B 121 11.75 10.26 -1.27
C ALA B 121 11.54 9.75 0.15
N CYS B 122 12.39 8.84 0.61
CA CYS B 122 12.27 8.25 1.94
C CYS B 122 13.47 8.56 2.81
N GLY B 123 13.22 8.75 4.10
CA GLY B 123 14.30 8.84 5.05
C GLY B 123 14.29 7.61 5.94
N PRO B 124 14.99 7.67 7.08
CA PRO B 124 15.08 6.53 7.99
C PRO B 124 13.72 6.11 8.55
N ASN B 125 12.79 7.05 8.68
CA ASN B 125 11.55 6.76 9.39
C ASN B 125 10.25 6.88 8.56
N GLU B 126 10.26 7.68 7.51
CA GLU B 126 9.08 7.77 6.65
C GLU B 126 9.42 8.09 5.21
N CYS B 127 8.43 7.85 4.35
CA CYS B 127 8.47 8.26 2.96
C CYS B 127 7.54 9.46 2.78
N LYS B 128 7.96 10.40 1.95
CA LYS B 128 7.11 11.52 1.57
C LYS B 128 6.81 11.46 0.08
N HIS B 129 5.57 11.76 -0.26
CA HIS B 129 5.11 11.81 -1.63
C HIS B 129 5.08 13.30 -1.99
N PHE B 130 5.95 13.71 -2.90
CA PHE B 130 6.06 15.10 -3.31
C PHE B 130 5.38 15.30 -4.65
N ALA B 131 4.98 16.54 -4.93
CA ALA B 131 4.56 16.92 -6.28
C ALA B 131 4.57 18.45 -6.46
N LEU B 132 4.43 18.89 -7.70
CA LEU B 132 4.33 20.30 -8.01
C LEU B 132 2.87 20.65 -8.25
N THR B 133 2.26 21.41 -7.33
CA THR B 133 0.85 21.75 -7.49
C THR B 133 0.66 23.04 -8.29
N HIS B 134 -0.47 23.18 -8.98
CA HIS B 134 -0.84 24.46 -9.57
C HIS B 134 -1.59 25.34 -8.58
N TYR B 135 -1.59 24.95 -7.31
CA TYR B 135 -2.26 25.72 -6.25
C TYR B 135 -3.76 25.82 -6.54
N ALA B 136 -4.32 24.70 -6.97
CA ALA B 136 -5.73 24.63 -7.33
C ALA B 136 -6.22 23.22 -7.00
N ALA B 137 -7.51 23.10 -6.74
CA ALA B 137 -8.11 21.82 -6.39
C ALA B 137 -9.18 21.41 -7.41
N GLN B 138 -9.52 20.12 -7.41
CA GLN B 138 -10.66 19.60 -8.14
C GLN B 138 -11.70 19.06 -7.14
N PRO B 139 -12.97 19.51 -7.24
CA PRO B 139 -13.47 20.51 -8.20
C PRO B 139 -13.05 21.92 -7.81
N GLY B 140 -13.02 22.83 -8.78
CA GLY B 140 -12.54 24.18 -8.57
C GLY B 140 -12.70 25.05 -9.79
N GLY B 141 -12.34 26.32 -9.68
CA GLY B 141 -12.48 27.25 -10.78
C GLY B 141 -11.17 27.70 -11.41
N TYR B 142 -10.07 27.04 -11.09
CA TYR B 142 -8.78 27.47 -11.62
C TYR B 142 -8.10 26.44 -12.53
N TYR B 143 -8.91 25.69 -13.28
CA TYR B 143 -8.40 24.67 -14.19
C TYR B 143 -7.59 25.29 -15.32
N ASN B 144 -7.95 26.51 -15.70
CA ASN B 144 -7.27 27.17 -16.80
C ASN B 144 -5.82 27.48 -16.46
N GLY B 145 -4.90 26.88 -17.22
CA GLY B 145 -3.48 27.02 -16.94
C GLY B 145 -2.84 25.78 -16.34
N THR B 146 -3.64 24.78 -15.98
CA THR B 146 -3.09 23.62 -15.30
C THR B 146 -2.41 22.63 -16.23
N ARG B 147 -2.46 22.89 -17.54
CA ARG B 147 -1.76 22.03 -18.49
C ARG B 147 -0.36 22.59 -18.78
N GLY B 148 -0.13 23.84 -18.40
CA GLY B 148 1.19 24.44 -18.50
C GLY B 148 2.16 23.96 -17.43
N ASP B 149 3.44 24.29 -17.58
CA ASP B 149 4.48 23.80 -16.68
C ASP B 149 4.91 24.81 -15.63
N ARG B 150 4.93 26.09 -16.01
CA ARG B 150 5.52 27.12 -15.16
C ARG B 150 4.59 28.32 -14.99
N ASN B 151 4.46 28.78 -13.75
CA ASN B 151 3.78 30.04 -13.44
C ASN B 151 4.17 30.51 -12.02
N LYS B 152 3.58 31.60 -11.57
CA LYS B 152 3.96 32.17 -10.27
C LYS B 152 3.24 31.51 -9.10
N LEU B 153 2.34 30.57 -9.40
CA LEU B 153 1.56 29.90 -8.36
C LEU B 153 2.10 28.53 -8.01
N ARG B 154 2.80 27.91 -8.95
CA ARG B 154 3.28 26.53 -8.79
C ARG B 154 4.09 26.36 -7.51
N HIS B 155 3.82 25.29 -6.74
CA HIS B 155 4.51 25.06 -5.47
C HIS B 155 4.92 23.60 -5.27
N LEU B 156 6.06 23.39 -4.62
CA LEU B 156 6.41 22.06 -4.18
C LEU B 156 5.64 21.70 -2.91
N ILE B 157 4.84 20.63 -2.98
CA ILE B 157 4.09 20.14 -1.83
C ILE B 157 4.47 18.70 -1.50
N SER B 158 4.05 18.22 -0.34
CA SER B 158 4.20 16.80 0.00
C SER B 158 3.19 16.34 1.05
N VAL B 159 2.97 15.04 1.12
CA VAL B 159 2.26 14.39 2.21
C VAL B 159 3.08 13.18 2.61
N LYS B 160 2.76 12.58 3.75
CA LYS B 160 3.35 11.29 4.09
C LYS B 160 2.78 10.28 3.10
N LEU B 161 3.63 9.41 2.56
CA LEU B 161 3.20 8.49 1.51
C LEU B 161 2.08 7.58 2.00
N GLY B 162 0.95 7.59 1.29
CA GLY B 162 -0.20 6.80 1.69
C GLY B 162 -1.38 7.71 2.01
N LYS B 163 -1.09 8.99 2.26
CA LYS B 163 -2.12 10.01 2.42
C LYS B 163 -2.49 10.63 1.07
N ILE B 164 -3.76 10.95 0.91
CA ILE B 164 -4.24 11.64 -0.27
C ILE B 164 -3.82 13.11 -0.18
N PRO B 165 -3.12 13.60 -1.20
CA PRO B 165 -2.60 14.97 -1.17
C PRO B 165 -3.70 15.97 -1.51
N THR B 166 -4.47 16.30 -0.49
CA THR B 166 -5.51 17.31 -0.63
C THR B 166 -5.01 18.65 -0.14
N VAL B 167 -5.88 19.65 -0.25
CA VAL B 167 -5.61 20.99 0.27
C VAL B 167 -5.16 20.97 1.72
N GLU B 168 -5.85 20.17 2.53
CA GLU B 168 -5.58 20.15 3.97
C GLU B 168 -4.48 19.20 4.42
N ASN B 169 -4.37 18.05 3.76
CA ASN B 169 -3.32 17.08 4.12
C ASN B 169 -1.92 17.54 3.71
N SER B 170 -1.84 18.26 2.60
CA SER B 170 -0.54 18.64 2.03
C SER B 170 0.16 19.73 2.82
N ILE B 171 1.48 19.75 2.74
CA ILE B 171 2.20 20.91 3.24
C ILE B 171 2.93 21.56 2.06
N PHE B 172 2.88 22.89 2.03
CA PHE B 172 3.50 23.66 0.95
C PHE B 172 4.92 24.06 1.36
N HIS B 173 5.91 23.50 0.69
CA HIS B 173 7.32 23.73 1.07
C HIS B 173 7.89 25.05 0.61
N MET B 174 7.66 25.37 -0.67
CA MET B 174 8.18 26.59 -1.29
C MET B 174 7.61 26.75 -2.70
N ALA B 175 7.64 27.98 -3.21
CA ALA B 175 7.30 28.21 -4.61
C ALA B 175 8.28 27.48 -5.53
N ALA B 176 7.77 26.73 -6.49
CA ALA B 176 8.62 25.92 -7.35
C ALA B 176 7.85 25.39 -8.55
N TRP B 177 8.45 25.49 -9.75
CA TRP B 177 7.93 24.78 -10.93
C TRP B 177 8.90 23.70 -11.41
N SER B 178 9.92 23.42 -10.61
CA SER B 178 10.78 22.25 -10.81
C SER B 178 11.28 21.86 -9.43
N GLY B 179 11.34 20.56 -9.14
CA GLY B 179 11.62 20.15 -7.78
C GLY B 179 12.43 18.89 -7.51
N SER B 180 12.88 18.78 -6.26
CA SER B 180 13.58 17.59 -5.77
C SER B 180 13.56 17.61 -4.23
N ALA B 181 13.94 16.48 -3.63
CA ALA B 181 14.08 16.40 -2.17
C ALA B 181 14.79 15.11 -1.80
N CYS B 182 15.39 15.10 -0.62
CA CYS B 182 16.13 13.95 -0.12
C CYS B 182 16.49 14.15 1.34
N HIS B 183 16.44 13.05 2.09
CA HIS B 183 16.77 13.04 3.51
C HIS B 183 18.20 12.55 3.67
N ASP B 184 18.97 13.20 4.54
CA ASP B 184 20.38 12.87 4.65
C ASP B 184 20.67 12.00 5.86
N GLY B 185 19.61 11.54 6.52
CA GLY B 185 19.75 10.79 7.76
C GLY B 185 19.35 11.60 8.98
N LYS B 186 19.54 12.92 8.91
CA LYS B 186 19.20 13.79 10.03
C LYS B 186 18.04 14.73 9.71
N GLU B 187 18.00 15.25 8.49
CA GLU B 187 17.02 16.26 8.13
C GLU B 187 16.69 16.22 6.64
N TRP B 188 15.54 16.76 6.27
CA TRP B 188 15.12 16.88 4.88
C TRP B 188 15.75 18.05 4.16
N THR B 189 16.19 17.83 2.92
CA THR B 189 16.60 18.92 2.06
C THR B 189 15.54 19.04 0.98
N TYR B 190 14.98 20.23 0.80
CA TYR B 190 13.97 20.44 -0.23
C TYR B 190 14.53 21.38 -1.29
N ILE B 191 14.22 21.12 -2.56
CA ILE B 191 14.78 21.86 -3.67
C ILE B 191 13.66 22.38 -4.58
N GLY B 192 13.62 23.68 -4.80
CA GLY B 192 12.61 24.25 -5.66
C GLY B 192 13.18 25.31 -6.58
N VAL B 193 12.89 25.18 -7.87
CA VAL B 193 13.29 26.20 -8.85
C VAL B 193 12.08 27.05 -9.26
N ASP B 194 12.20 28.36 -9.14
CA ASP B 194 11.19 29.22 -9.72
C ASP B 194 11.86 30.44 -10.32
N GLY B 195 11.08 31.45 -10.68
CA GLY B 195 11.62 32.62 -11.35
C GLY B 195 11.28 32.63 -12.82
N PRO B 196 11.68 33.71 -13.52
CA PRO B 196 11.42 33.87 -14.95
C PRO B 196 12.31 32.94 -15.75
N ASP B 197 11.88 32.51 -16.94
CA ASP B 197 12.59 31.45 -17.68
C ASP B 197 14.08 31.73 -17.88
N ASN B 198 14.41 32.98 -18.21
CA ASN B 198 15.77 33.36 -18.60
C ASN B 198 16.70 33.58 -17.42
N ASP B 199 16.16 33.52 -16.20
CA ASP B 199 16.98 33.78 -15.03
C ASP B 199 16.31 33.17 -13.81
N ALA B 200 16.06 31.87 -13.90
CA ALA B 200 15.39 31.12 -12.86
C ALA B 200 16.32 30.87 -11.71
N LEU B 201 15.77 30.43 -10.60
CA LEU B 201 16.57 30.33 -9.39
C LEU B 201 16.27 29.05 -8.64
N LEU B 202 17.31 28.27 -8.37
CA LEU B 202 17.15 27.07 -7.57
C LEU B 202 17.27 27.45 -6.10
N LYS B 203 16.26 27.11 -5.32
CA LYS B 203 16.25 27.44 -3.90
C LYS B 203 16.41 26.18 -3.06
N VAL B 204 17.28 26.23 -2.06
CA VAL B 204 17.53 25.10 -1.18
C VAL B 204 16.95 25.33 0.23
N LYS B 205 16.22 24.35 0.76
CA LYS B 205 15.63 24.47 2.09
C LYS B 205 16.10 23.30 2.94
N TYR B 206 16.48 23.58 4.18
CA TYR B 206 16.90 22.51 5.08
C TYR B 206 15.99 22.56 6.31
N GLY B 207 15.15 21.55 6.47
CA GLY B 207 14.11 21.62 7.49
C GLY B 207 13.17 22.77 7.14
N GLU B 208 12.99 23.72 8.07
CA GLU B 208 12.14 24.88 7.80
C GLU B 208 12.91 26.07 7.24
N ALA B 209 14.23 25.98 7.22
CA ALA B 209 15.05 27.14 6.89
C ALA B 209 15.51 27.20 5.42
N TYR B 210 15.28 28.34 4.78
CA TYR B 210 15.86 28.59 3.46
C TYR B 210 17.35 28.86 3.65
N THR B 211 18.18 28.04 3.02
CA THR B 211 19.64 28.06 3.30
C THR B 211 20.55 28.48 2.14
N ASP B 212 20.15 28.27 0.89
CA ASP B 212 21.03 28.60 -0.22
C ASP B 212 20.25 28.74 -1.51
N THR B 213 20.90 29.32 -2.52
CA THR B 213 20.35 29.35 -3.86
C THR B 213 21.46 29.10 -4.87
N TYR B 214 21.07 28.83 -6.11
CA TYR B 214 22.00 28.64 -7.22
C TYR B 214 21.36 29.26 -8.47
N HIS B 215 22.18 29.90 -9.29
CA HIS B 215 21.68 30.73 -10.39
C HIS B 215 21.65 30.00 -11.72
N SER B 216 20.83 30.52 -12.63
CA SER B 216 20.81 30.07 -14.00
C SER B 216 22.19 30.35 -14.61
N TYR B 217 22.80 29.33 -15.19
CA TYR B 217 24.11 29.49 -15.80
C TYR B 217 24.05 29.55 -17.33
N ALA B 218 22.90 29.23 -17.91
CA ALA B 218 22.75 29.35 -19.37
C ALA B 218 21.63 30.32 -19.75
N ASN B 219 20.94 30.85 -18.73
CA ASN B 219 19.89 31.85 -18.96
C ASN B 219 18.81 31.41 -19.96
N LYS B 220 18.44 30.14 -19.91
CA LYS B 220 17.42 29.61 -20.80
C LYS B 220 16.25 29.01 -20.02
N LEU B 221 16.56 28.07 -19.12
CA LEU B 221 15.57 27.44 -18.27
C LEU B 221 16.26 26.54 -17.25
N LEU B 222 16.73 27.13 -16.15
CA LEU B 222 17.30 26.36 -15.05
C LEU B 222 16.22 25.43 -14.50
N ARG B 223 16.55 24.16 -14.32
CA ARG B 223 15.58 23.20 -13.81
C ARG B 223 16.30 22.04 -13.13
N THR B 224 15.54 21.15 -12.49
CA THR B 224 16.15 20.06 -11.74
C THR B 224 15.47 18.70 -12.01
N GLN B 225 15.67 17.73 -11.12
CA GLN B 225 15.32 16.32 -11.40
C GLN B 225 13.84 15.92 -11.56
N GLU B 226 12.95 16.53 -10.77
CA GLU B 226 11.60 15.98 -10.54
C GLU B 226 11.62 14.59 -9.93
N SER B 227 12.67 14.30 -9.16
CA SER B 227 12.76 13.09 -8.36
C SER B 227 13.81 13.29 -7.27
N ALA B 228 13.97 12.30 -6.39
CA ALA B 228 14.82 12.43 -5.21
C ALA B 228 16.27 12.71 -5.49
N CYS B 229 16.86 13.58 -4.67
CA CYS B 229 18.30 13.73 -4.70
C CYS B 229 18.89 12.57 -3.87
N ASN B 230 20.21 12.51 -3.73
CA ASN B 230 20.80 11.34 -3.12
C ASN B 230 21.90 11.71 -2.14
N CYS B 231 21.72 11.29 -0.89
CA CYS B 231 22.65 11.67 0.18
C CYS B 231 23.49 10.50 0.66
N ILE B 232 24.76 10.79 0.92
CA ILE B 232 25.66 9.82 1.51
C ILE B 232 26.65 10.53 2.45
N GLY B 233 26.68 10.09 3.70
CA GLY B 233 27.51 10.72 4.72
C GLY B 233 27.28 12.22 4.82
N GLY B 234 26.03 12.65 4.64
CA GLY B 234 25.67 14.06 4.81
C GLY B 234 25.82 14.86 3.53
N ASN B 235 26.43 14.26 2.51
CA ASN B 235 26.59 14.94 1.23
C ASN B 235 25.46 14.58 0.27
N CYS B 236 24.66 15.57 -0.09
CA CYS B 236 23.54 15.34 -1.01
C CYS B 236 23.88 15.80 -2.43
N TYR B 237 23.67 14.90 -3.38
CA TYR B 237 24.02 15.16 -4.78
C TYR B 237 22.77 15.38 -5.62
N LEU B 238 22.82 16.41 -6.46
CA LEU B 238 21.63 16.84 -7.17
C LEU B 238 21.96 17.22 -8.62
N MET B 239 21.17 16.71 -9.55
CA MET B 239 21.30 17.12 -10.94
C MET B 239 20.52 18.39 -11.19
N ILE B 240 21.12 19.31 -11.94
CA ILE B 240 20.40 20.44 -12.48
C ILE B 240 20.81 20.58 -13.93
N THR B 241 20.00 21.28 -14.71
CA THR B 241 20.40 21.59 -16.07
C THR B 241 19.81 22.95 -16.47
N ASP B 242 20.26 23.46 -17.60
CA ASP B 242 19.88 24.78 -18.02
C ASP B 242 20.16 24.82 -19.50
N GLY B 243 19.22 25.34 -20.28
CA GLY B 243 19.41 25.44 -21.72
C GLY B 243 18.08 25.25 -22.42
N SER B 244 18.10 25.39 -23.75
CA SER B 244 16.88 25.23 -24.54
C SER B 244 16.29 23.83 -24.49
N ALA B 245 14.96 23.76 -24.43
CA ALA B 245 14.24 22.50 -24.41
C ALA B 245 14.43 21.76 -25.73
N SER B 246 14.73 22.50 -26.78
CA SER B 246 14.87 21.92 -28.11
C SER B 246 16.28 22.12 -28.65
N GLY B 247 17.22 22.39 -27.75
CA GLY B 247 18.60 22.64 -28.15
C GLY B 247 19.56 22.06 -27.12
N VAL B 248 20.62 22.81 -26.83
CA VAL B 248 21.64 22.36 -25.90
C VAL B 248 21.20 22.61 -24.45
N SER B 249 21.34 21.60 -23.61
CA SER B 249 21.13 21.73 -22.17
C SER B 249 22.15 20.89 -21.43
N GLU B 250 23.29 21.51 -21.10
CA GLU B 250 24.37 20.81 -20.39
C GLU B 250 24.09 20.82 -18.91
N CYS B 251 23.92 19.64 -18.33
CA CYS B 251 23.60 19.53 -16.92
C CYS B 251 24.85 19.69 -16.05
N ARG B 252 24.61 19.86 -14.75
CA ARG B 252 25.67 19.90 -13.75
C ARG B 252 25.16 19.16 -12.54
N PHE B 253 26.03 18.94 -11.56
CA PHE B 253 25.60 18.38 -10.30
C PHE B 253 26.07 19.26 -9.15
N LEU B 254 25.20 19.41 -8.16
CA LEU B 254 25.55 20.15 -6.96
C LEU B 254 25.76 19.18 -5.82
N LYS B 255 26.76 19.47 -5.00
CA LYS B 255 27.01 18.70 -3.78
C LYS B 255 26.58 19.59 -2.64
N ILE B 256 25.55 19.16 -1.91
CA ILE B 256 24.89 19.98 -0.92
C ILE B 256 25.00 19.34 0.45
N ARG B 257 25.49 20.10 1.43
CA ARG B 257 25.68 19.61 2.78
C ARG B 257 24.95 20.51 3.78
N GLU B 258 24.04 19.91 4.56
CA GLU B 258 23.22 20.64 5.51
C GLU B 258 22.57 21.88 4.88
N GLY B 259 22.14 21.73 3.63
CA GLY B 259 21.39 22.79 2.96
C GLY B 259 22.23 23.83 2.24
N ARG B 260 23.54 23.68 2.25
CA ARG B 260 24.39 24.63 1.56
C ARG B 260 25.25 23.96 0.52
N ILE B 261 25.33 24.58 -0.66
CA ILE B 261 26.08 24.04 -1.79
C ILE B 261 27.57 24.17 -1.53
N ILE B 262 28.27 23.03 -1.41
CA ILE B 262 29.70 23.07 -1.10
C ILE B 262 30.61 22.72 -2.29
N LYS B 263 30.04 22.22 -3.38
CA LYS B 263 30.83 21.95 -4.56
C LYS B 263 29.96 21.87 -5.80
N GLU B 264 30.51 22.29 -6.93
CA GLU B 264 29.89 22.13 -8.23
C GLU B 264 30.60 21.01 -8.97
N ILE B 265 29.85 20.23 -9.73
CA ILE B 265 30.44 19.14 -10.49
C ILE B 265 30.08 19.30 -11.97
N PHE B 266 31.12 19.45 -12.80
CA PHE B 266 30.95 19.67 -14.23
C PHE B 266 31.23 18.37 -15.00
N PRO B 267 30.19 17.75 -15.55
CA PRO B 267 30.36 16.45 -16.21
C PRO B 267 31.15 16.56 -17.49
N THR B 268 31.87 15.48 -17.84
CA THR B 268 32.53 15.39 -19.13
C THR B 268 31.79 14.39 -19.99
N GLY B 269 32.14 14.35 -21.26
CA GLY B 269 31.65 13.33 -22.15
C GLY B 269 30.54 13.81 -23.05
N ARG B 270 29.48 13.01 -23.15
CA ARG B 270 28.39 13.31 -24.06
C ARG B 270 27.41 14.17 -23.27
N VAL B 271 27.61 15.48 -23.35
CA VAL B 271 26.90 16.43 -22.48
C VAL B 271 25.84 17.32 -23.17
N LYS B 272 25.73 17.22 -24.50
CA LYS B 272 24.79 18.01 -25.31
C LYS B 272 23.40 18.31 -24.71
N HIS B 273 22.72 17.29 -24.21
CA HIS B 273 21.41 17.49 -23.63
C HIS B 273 21.05 16.43 -22.60
N THR B 274 21.02 16.85 -21.35
CA THR B 274 20.70 15.97 -20.23
C THR B 274 19.76 16.70 -19.30
N GLU B 275 18.59 16.13 -19.07
CA GLU B 275 17.62 16.73 -18.15
C GLU B 275 16.81 15.66 -17.42
N GLU B 276 16.17 16.07 -16.32
CA GLU B 276 15.25 15.20 -15.57
C GLU B 276 15.90 13.88 -15.22
N CYS B 277 17.13 13.95 -14.74
CA CYS B 277 17.85 12.74 -14.34
C CYS B 277 17.15 12.03 -13.19
N THR B 278 17.07 10.72 -13.32
CA THR B 278 16.60 9.87 -12.24
C THR B 278 17.85 9.17 -11.71
N CYS B 279 18.24 9.49 -10.48
CA CYS B 279 19.54 9.09 -9.95
C CYS B 279 19.44 8.22 -8.71
N GLY B 280 20.39 7.32 -8.54
CA GLY B 280 20.46 6.47 -7.37
C GLY B 280 21.89 5.97 -7.17
N PHE B 281 22.13 5.31 -6.04
CA PHE B 281 23.45 4.77 -5.72
C PHE B 281 23.68 3.37 -6.33
N ALA B 282 24.71 3.25 -7.16
CA ALA B 282 25.16 1.93 -7.60
C ALA B 282 26.00 1.29 -6.50
N SER B 283 26.56 2.13 -5.63
CA SER B 283 27.41 1.68 -4.53
C SER B 283 27.72 2.88 -3.64
N ASN B 284 28.60 2.68 -2.66
CA ASN B 284 29.07 3.79 -1.83
C ASN B 284 30.00 4.73 -2.59
N LYS B 285 30.46 4.29 -3.75
CA LYS B 285 31.42 5.05 -4.53
C LYS B 285 30.76 5.78 -5.72
N THR B 286 29.62 5.27 -6.17
CA THR B 286 29.07 5.70 -7.46
C THR B 286 27.57 5.95 -7.49
N ILE B 287 27.19 7.12 -7.98
CA ILE B 287 25.81 7.42 -8.31
C ILE B 287 25.64 7.30 -9.82
N GLU B 288 24.56 6.66 -10.26
CA GLU B 288 24.23 6.61 -11.69
C GLU B 288 22.89 7.28 -11.90
N CYS B 289 22.70 7.88 -13.07
CA CYS B 289 21.41 8.45 -13.45
C CYS B 289 21.05 8.08 -14.88
N ALA B 290 19.77 7.85 -15.10
CA ALA B 290 19.23 7.65 -16.43
C ALA B 290 18.40 8.91 -16.70
N CYS B 291 18.74 9.62 -17.76
CA CYS B 291 18.18 10.96 -17.95
C CYS B 291 17.44 11.08 -19.27
N ARG B 292 17.03 12.30 -19.58
CA ARG B 292 16.27 12.54 -20.80
C ARG B 292 16.97 13.53 -21.72
N ASP B 293 17.09 13.16 -22.98
CA ASP B 293 17.58 14.07 -24.01
C ASP B 293 16.37 14.49 -24.82
N ASN B 294 16.00 15.75 -24.70
CA ASN B 294 14.77 16.23 -25.28
C ASN B 294 14.92 16.69 -26.73
N SER B 295 16.14 16.65 -27.27
CA SER B 295 16.41 17.22 -28.59
C SER B 295 16.99 16.27 -29.60
N TYR B 296 17.89 15.39 -29.16
CA TYR B 296 18.80 14.69 -30.08
C TYR B 296 18.63 13.18 -30.21
N THR B 297 18.07 12.52 -29.20
CA THR B 297 18.05 11.09 -29.25
C THR B 297 16.96 10.51 -28.36
N ALA B 298 16.61 9.26 -28.64
CA ALA B 298 15.68 8.51 -27.81
C ALA B 298 16.44 7.54 -26.91
N LYS B 299 17.76 7.47 -27.07
CA LYS B 299 18.59 6.82 -26.07
C LYS B 299 18.65 7.74 -24.84
N ARG B 300 18.76 7.16 -23.65
CA ARG B 300 18.87 8.00 -22.44
C ARG B 300 20.33 8.31 -22.10
N PRO B 301 20.65 9.60 -21.90
CA PRO B 301 21.98 9.92 -21.38
C PRO B 301 22.14 9.24 -20.05
N PHE B 302 23.31 8.69 -19.78
CA PHE B 302 23.49 7.90 -18.58
C PHE B 302 24.69 8.45 -17.82
N VAL B 303 24.44 8.98 -16.63
CA VAL B 303 25.49 9.58 -15.82
C VAL B 303 26.14 8.58 -14.89
N LYS B 304 27.46 8.63 -14.79
CA LYS B 304 28.19 7.91 -13.76
C LYS B 304 28.96 8.95 -12.94
N LEU B 305 28.57 9.10 -11.67
CA LEU B 305 29.11 10.15 -10.82
C LEU B 305 29.90 9.48 -9.71
N ASN B 306 31.19 9.81 -9.62
CA ASN B 306 32.05 9.26 -8.59
C ASN B 306 31.97 10.19 -7.37
N VAL B 307 31.41 9.70 -6.26
CA VAL B 307 31.19 10.58 -5.12
C VAL B 307 32.44 10.70 -4.25
N GLU B 308 33.46 9.91 -4.55
CA GLU B 308 34.73 10.04 -3.82
C GLU B 308 35.61 11.13 -4.42
N THR B 309 35.52 11.30 -5.74
CA THR B 309 36.32 12.31 -6.40
C THR B 309 35.48 13.48 -6.84
N ASP B 310 34.16 13.35 -6.70
CA ASP B 310 33.22 14.38 -7.11
C ASP B 310 33.39 14.74 -8.60
N THR B 311 33.48 13.70 -9.43
CA THR B 311 33.54 13.90 -10.87
C THR B 311 32.48 13.04 -11.55
N ALA B 312 32.01 13.50 -12.70
CA ALA B 312 30.92 12.83 -13.39
C ALA B 312 31.23 12.74 -14.86
N GLU B 313 30.78 11.65 -15.48
CA GLU B 313 30.90 11.47 -16.92
C GLU B 313 29.55 10.98 -17.45
N ILE B 314 29.20 11.39 -18.65
CA ILE B 314 27.93 11.01 -19.26
C ILE B 314 28.15 10.37 -20.63
N ARG B 315 27.47 9.24 -20.87
CA ARG B 315 27.42 8.66 -22.22
C ARG B 315 26.01 8.15 -22.45
N LEU B 316 25.59 8.02 -23.71
CA LEU B 316 24.27 7.48 -24.00
C LEU B 316 24.19 6.02 -23.57
N MET B 317 23.02 5.57 -23.10
CA MET B 317 22.83 4.14 -22.89
C MET B 317 22.91 3.48 -24.26
N CYS B 318 23.68 2.40 -24.35
CA CYS B 318 23.83 1.71 -25.62
C CYS B 318 22.72 0.70 -25.91
N THR B 319 21.88 0.40 -24.93
CA THR B 319 20.90 -0.68 -25.10
C THR B 319 19.97 -0.48 -26.28
N ASP B 320 19.71 -1.56 -27.03
CA ASP B 320 18.71 -1.57 -28.08
C ASP B 320 17.30 -1.21 -27.57
N THR B 321 17.08 -1.39 -26.27
CA THR B 321 15.79 -1.07 -25.68
C THR B 321 15.75 0.41 -25.31
N TYR B 322 15.55 1.27 -26.30
CA TYR B 322 15.58 2.72 -26.05
C TYR B 322 14.49 3.08 -25.08
N LEU B 323 14.85 3.81 -24.04
CA LEU B 323 13.94 4.02 -22.93
C LEU B 323 13.09 5.28 -23.00
N ASP B 324 13.34 6.12 -24.02
CA ASP B 324 12.66 7.41 -24.13
C ASP B 324 11.34 7.28 -24.87
N THR B 325 10.54 8.34 -24.84
CA THR B 325 9.32 8.43 -25.64
C THR B 325 9.19 9.84 -26.18
N PRO B 326 9.13 9.98 -27.51
CA PRO B 326 9.10 8.94 -28.53
C PRO B 326 10.46 8.26 -28.75
N ARG B 327 10.41 7.16 -29.50
CA ARG B 327 11.60 6.39 -29.83
C ARG B 327 11.31 5.60 -31.09
N PRO B 328 12.36 5.22 -31.84
CA PRO B 328 12.14 4.31 -32.96
C PRO B 328 12.05 2.87 -32.48
N ASP B 329 11.89 1.94 -33.41
CA ASP B 329 11.92 0.51 -33.12
C ASP B 329 13.20 0.14 -32.39
N ASP B 330 13.11 -0.79 -31.45
CA ASP B 330 14.27 -1.24 -30.68
C ASP B 330 15.37 -1.74 -31.61
N GLY B 331 16.61 -1.38 -31.31
CA GLY B 331 17.74 -1.87 -32.07
C GLY B 331 17.94 -1.24 -33.43
N SER B 332 17.01 -0.38 -33.85
CA SER B 332 17.06 0.17 -35.22
C SER B 332 18.06 1.31 -35.40
N ILE B 333 18.60 1.84 -34.32
CA ILE B 333 19.60 2.89 -34.49
C ILE B 333 20.95 2.27 -34.83
N THR B 334 21.44 2.49 -36.05
CA THR B 334 22.68 1.87 -36.49
C THR B 334 23.90 2.67 -36.06
N GLY B 335 25.07 2.04 -36.07
CA GLY B 335 26.30 2.72 -35.74
C GLY B 335 26.70 2.48 -34.30
N PRO B 336 27.78 3.14 -33.84
CA PRO B 336 28.27 2.92 -32.48
C PRO B 336 27.28 3.38 -31.41
N CYS B 337 27.60 3.09 -30.16
CA CYS B 337 26.69 3.34 -29.04
C CYS B 337 26.24 4.80 -28.95
N GLU B 338 27.12 5.72 -29.36
CA GLU B 338 26.80 7.14 -29.27
C GLU B 338 25.91 7.69 -30.40
N SER B 339 25.64 6.89 -31.42
CA SER B 339 24.76 7.30 -32.52
C SER B 339 23.41 7.73 -31.99
N ASN B 340 22.94 8.89 -32.44
CA ASN B 340 21.69 9.46 -31.94
C ASN B 340 20.41 8.81 -32.47
N GLY B 341 20.38 8.52 -33.76
CA GLY B 341 19.22 7.88 -34.36
C GLY B 341 18.00 8.74 -34.64
N ASP B 342 16.89 8.06 -34.91
CA ASP B 342 15.66 8.67 -35.38
C ASP B 342 14.75 9.02 -34.18
N LYS B 343 13.88 10.00 -34.37
CA LYS B 343 12.92 10.42 -33.35
C LYS B 343 13.52 10.91 -32.03
N GLY B 344 14.65 11.59 -32.10
CA GLY B 344 15.30 12.08 -30.90
C GLY B 344 14.61 13.24 -30.20
N SER B 345 13.89 14.05 -30.97
CA SER B 345 13.26 15.24 -30.42
C SER B 345 12.05 14.85 -29.58
N GLY B 346 11.87 15.52 -28.45
CA GLY B 346 10.84 15.13 -27.50
C GLY B 346 11.42 14.17 -26.47
N GLY B 347 10.62 13.76 -25.49
CA GLY B 347 11.15 12.91 -24.44
C GLY B 347 10.24 12.74 -23.25
N ILE B 348 10.74 12.04 -22.23
CA ILE B 348 9.97 11.76 -21.05
C ILE B 348 10.95 11.37 -19.94
N LYS B 349 10.71 11.83 -18.72
CA LYS B 349 11.53 11.43 -17.59
C LYS B 349 11.30 9.95 -17.35
N GLY B 350 12.36 9.18 -17.17
CA GLY B 350 12.20 7.74 -17.04
C GLY B 350 12.57 7.18 -15.69
N GLY B 351 11.92 6.08 -15.31
CA GLY B 351 12.22 5.38 -14.07
C GLY B 351 13.50 4.57 -14.15
N PHE B 352 14.20 4.49 -13.02
CA PHE B 352 15.49 3.82 -12.94
C PHE B 352 15.82 3.64 -11.47
N VAL B 353 16.19 2.44 -11.07
CA VAL B 353 16.54 2.20 -9.67
C VAL B 353 17.49 1.00 -9.55
N HIS B 354 18.34 1.02 -8.52
CA HIS B 354 19.40 0.02 -8.34
C HIS B 354 19.00 -1.06 -7.38
N GLN B 355 19.34 -2.30 -7.72
CA GLN B 355 19.28 -3.41 -6.78
C GLN B 355 20.72 -3.81 -6.51
N ARG B 356 21.25 -3.37 -5.36
CA ARG B 356 22.65 -3.63 -5.02
C ARG B 356 22.80 -4.94 -4.26
N MET B 357 23.44 -5.91 -4.88
CA MET B 357 23.72 -7.19 -4.24
C MET B 357 25.20 -7.33 -3.94
N GLU B 358 25.56 -8.38 -3.21
CA GLU B 358 26.93 -8.61 -2.77
C GLU B 358 27.92 -8.56 -3.94
N SER B 359 27.65 -9.30 -5.00
CA SER B 359 28.58 -9.31 -6.12
C SER B 359 27.91 -9.12 -7.48
N LYS B 360 26.71 -8.54 -7.48
CA LYS B 360 26.16 -7.99 -8.71
C LYS B 360 25.23 -6.80 -8.52
N ILE B 361 24.95 -6.10 -9.61
CA ILE B 361 24.12 -4.92 -9.58
C ILE B 361 22.98 -5.11 -10.58
N GLY B 362 21.75 -4.98 -10.10
CA GLY B 362 20.60 -5.00 -10.97
C GLY B 362 20.20 -3.58 -11.28
N ARG B 363 20.03 -3.27 -12.56
CA ARG B 363 19.46 -1.98 -12.94
C ARG B 363 18.05 -2.17 -13.49
N TRP B 364 17.09 -1.58 -12.80
CA TRP B 364 15.68 -1.65 -13.20
C TRP B 364 15.25 -0.35 -13.87
N TYR B 365 14.51 -0.45 -14.96
CA TYR B 365 14.11 0.74 -15.70
C TYR B 365 12.67 0.61 -16.14
N SER B 366 12.06 1.74 -16.52
CA SER B 366 10.70 1.72 -17.08
C SER B 366 10.57 2.61 -18.32
N ARG B 367 9.71 2.20 -19.24
CA ARG B 367 9.38 3.03 -20.40
C ARG B 367 7.92 2.77 -20.77
N THR B 368 7.32 3.70 -21.52
CA THR B 368 5.93 3.58 -21.95
C THR B 368 5.71 2.36 -22.84
N MET B 369 4.49 1.83 -22.86
CA MET B 369 4.18 0.74 -23.79
C MET B 369 4.16 1.28 -25.22
N SER B 370 3.63 2.49 -25.39
CA SER B 370 3.60 3.11 -26.71
C SER B 370 4.96 3.71 -27.07
N LYS B 371 5.37 3.53 -28.32
CA LYS B 371 6.63 4.12 -28.80
C LYS B 371 6.54 5.64 -28.96
N THR B 372 5.33 6.16 -29.12
CA THR B 372 5.18 7.57 -29.49
C THR B 372 4.32 8.39 -28.53
N GLU B 373 3.46 7.71 -27.76
CA GLU B 373 2.52 8.40 -26.88
C GLU B 373 2.78 8.04 -25.42
N ARG B 374 2.35 8.92 -24.53
CA ARG B 374 2.52 8.67 -23.10
C ARG B 374 1.42 7.75 -22.58
N MET B 375 1.47 6.50 -23.04
CA MET B 375 0.46 5.50 -22.70
C MET B 375 1.15 4.21 -22.27
N GLY B 376 0.71 3.65 -21.14
CA GLY B 376 1.29 2.42 -20.65
C GLY B 376 2.65 2.61 -20.00
N MET B 377 3.10 1.59 -19.26
CA MET B 377 4.43 1.59 -18.67
C MET B 377 4.92 0.17 -18.42
N GLY B 378 6.02 -0.21 -19.07
CA GLY B 378 6.59 -1.54 -18.89
C GLY B 378 7.84 -1.46 -18.03
N LEU B 379 8.14 -2.54 -17.31
CA LEU B 379 9.31 -2.64 -16.43
C LEU B 379 10.36 -3.47 -17.15
N TYR B 380 11.63 -3.08 -17.02
CA TYR B 380 12.74 -3.81 -17.64
C TYR B 380 13.90 -3.97 -16.66
N VAL B 381 14.76 -4.96 -16.88
CA VAL B 381 15.90 -5.18 -15.98
C VAL B 381 17.12 -5.75 -16.68
N LYS B 382 18.30 -5.32 -16.26
CA LYS B 382 19.54 -5.98 -16.64
C LYS B 382 20.51 -5.99 -15.47
N TYR B 383 21.21 -7.11 -15.29
CA TYR B 383 22.22 -7.24 -14.24
C TYR B 383 23.63 -7.05 -14.80
N ASP B 384 24.41 -6.20 -14.14
CA ASP B 384 25.83 -6.00 -14.48
C ASP B 384 26.08 -5.43 -15.86
N GLY B 385 27.31 -5.62 -16.37
CA GLY B 385 27.73 -5.01 -17.61
C GLY B 385 27.97 -3.51 -17.51
N ASP B 386 28.20 -2.89 -18.66
CA ASP B 386 28.45 -1.47 -18.73
C ASP B 386 27.39 -0.86 -19.63
N PRO B 387 26.42 -0.14 -19.04
CA PRO B 387 25.32 0.43 -19.80
C PRO B 387 25.77 1.35 -20.94
N TRP B 388 26.99 1.87 -20.85
CA TRP B 388 27.54 2.73 -21.90
C TRP B 388 27.93 1.93 -23.13
N ALA B 389 28.15 0.63 -22.95
CA ALA B 389 28.81 -0.18 -23.97
C ALA B 389 28.02 -1.41 -24.42
N ASP B 390 27.00 -1.79 -23.67
CA ASP B 390 26.20 -2.97 -23.99
C ASP B 390 24.96 -2.66 -24.82
N SER B 391 24.92 -3.18 -26.04
CA SER B 391 23.74 -2.99 -26.89
C SER B 391 22.62 -3.97 -26.54
N ASP B 392 22.93 -4.99 -25.73
CA ASP B 392 21.97 -6.04 -25.34
C ASP B 392 20.62 -5.48 -24.94
N ALA B 393 19.54 -6.08 -25.44
CA ALA B 393 18.21 -5.66 -25.03
C ALA B 393 18.03 -5.91 -23.53
N LEU B 394 17.32 -5.01 -22.86
CA LEU B 394 16.97 -5.20 -21.46
C LEU B 394 15.92 -6.31 -21.39
N ALA B 395 15.90 -7.07 -20.30
CA ALA B 395 14.89 -8.12 -20.15
C ALA B 395 13.56 -7.49 -19.75
N PHE B 396 12.52 -7.74 -20.55
CA PHE B 396 11.20 -7.19 -20.27
C PHE B 396 10.63 -7.90 -19.06
N SER B 397 10.18 -7.13 -18.08
CA SER B 397 9.88 -7.69 -16.78
C SER B 397 8.41 -7.56 -16.36
N GLY B 398 7.61 -6.90 -17.20
CA GLY B 398 6.17 -6.89 -16.98
C GLY B 398 5.47 -5.57 -17.28
N VAL B 399 4.15 -5.65 -17.47
CA VAL B 399 3.32 -4.47 -17.68
C VAL B 399 2.84 -3.91 -16.34
N MET B 400 3.30 -2.71 -15.99
CA MET B 400 2.87 -2.02 -14.77
C MET B 400 1.62 -1.22 -15.06
N VAL B 401 1.55 -0.66 -16.27
CA VAL B 401 0.38 0.07 -16.69
C VAL B 401 0.09 -0.32 -18.13
N SER B 402 -1.14 -0.71 -18.42
CA SER B 402 -1.43 -1.16 -19.78
C SER B 402 -1.46 0.02 -20.73
N MET B 403 -1.34 -0.25 -22.03
CA MET B 403 -1.32 0.82 -23.02
C MET B 403 -2.64 1.58 -23.13
N LYS B 404 -3.67 1.10 -22.43
CA LYS B 404 -4.96 1.81 -22.41
C LYS B 404 -5.00 2.89 -21.33
N GLU B 405 -4.03 2.88 -20.44
CA GLU B 405 -3.98 3.84 -19.33
C GLU B 405 -2.82 4.78 -19.58
N PRO B 406 -2.90 6.02 -19.05
CA PRO B 406 -1.80 6.95 -19.30
C PRO B 406 -0.54 6.56 -18.53
N GLY B 407 0.62 6.79 -19.15
CA GLY B 407 1.89 6.55 -18.50
C GLY B 407 2.81 7.71 -18.81
N TRP B 408 3.06 8.56 -17.81
CA TRP B 408 3.84 9.78 -18.03
C TRP B 408 5.21 9.68 -17.36
N TYR B 409 5.62 10.66 -16.57
CA TYR B 409 6.94 10.58 -15.93
C TYR B 409 7.03 9.34 -15.05
N SER B 410 8.23 8.77 -14.93
CA SER B 410 8.43 7.70 -13.95
C SER B 410 9.74 7.95 -13.21
N PHE B 411 9.89 7.36 -12.04
CA PHE B 411 11.04 7.65 -11.20
C PHE B 411 11.41 6.48 -10.29
N GLY B 412 12.65 6.47 -9.82
CA GLY B 412 13.06 5.47 -8.85
C GLY B 412 13.09 6.08 -7.46
N PHE B 413 12.96 5.23 -6.46
CA PHE B 413 13.22 5.62 -5.08
C PHE B 413 13.43 4.36 -4.28
N GLU B 414 14.03 4.49 -3.10
CA GLU B 414 14.30 3.34 -2.24
C GLU B 414 13.69 3.54 -0.85
N ILE B 415 13.09 2.48 -0.31
CA ILE B 415 12.54 2.53 1.04
C ILE B 415 13.58 1.92 1.97
N LYS B 416 13.69 2.47 3.16
CA LYS B 416 14.64 1.97 4.15
C LYS B 416 13.97 0.95 5.07
N ASP B 417 14.27 -0.32 4.84
CA ASP B 417 13.89 -1.38 5.77
C ASP B 417 14.89 -1.30 6.93
N LYS B 418 14.74 -2.16 7.92
CA LYS B 418 15.58 -2.15 9.11
C LYS B 418 17.07 -2.23 8.79
N GLU B 419 17.43 -3.11 7.88
CA GLU B 419 18.84 -3.44 7.66
C GLU B 419 19.21 -3.46 6.19
N CYS B 420 18.25 -3.14 5.32
CA CYS B 420 18.49 -3.18 3.89
C CYS B 420 17.54 -2.22 3.18
N ASP B 421 17.84 -1.92 1.92
CA ASP B 421 17.07 -0.95 1.15
C ASP B 421 16.18 -1.65 0.12
N VAL B 422 14.95 -1.17 -0.02
CA VAL B 422 14.03 -1.73 -0.99
C VAL B 422 13.86 -0.81 -2.18
N PRO B 423 14.26 -1.29 -3.38
CA PRO B 423 14.12 -0.47 -4.58
C PRO B 423 12.70 -0.48 -5.17
N CYS B 424 12.24 0.69 -5.58
CA CYS B 424 10.91 0.88 -6.15
C CYS B 424 10.96 1.79 -7.37
N ILE B 425 9.94 1.68 -8.22
CA ILE B 425 9.69 2.66 -9.27
C ILE B 425 8.28 3.24 -9.13
N GLY B 426 8.17 4.57 -9.25
CA GLY B 426 6.88 5.23 -9.22
C GLY B 426 6.52 5.72 -10.61
N ILE B 427 5.22 5.78 -10.89
CA ILE B 427 4.72 6.15 -12.21
C ILE B 427 3.65 7.24 -12.14
N GLU B 428 3.92 8.37 -12.78
CA GLU B 428 2.94 9.44 -12.92
C GLU B 428 1.91 9.03 -13.98
N MET B 429 0.65 8.98 -13.57
CA MET B 429 -0.40 8.66 -14.52
C MET B 429 -1.30 9.87 -14.68
N VAL B 430 -1.02 10.67 -15.70
CA VAL B 430 -1.68 11.95 -15.90
C VAL B 430 -3.08 11.84 -16.48
N HIS B 431 -4.01 12.59 -15.90
CA HIS B 431 -5.36 12.68 -16.43
C HIS B 431 -5.34 13.83 -17.42
N ASP B 432 -5.31 13.53 -18.71
CA ASP B 432 -5.19 14.58 -19.70
C ASP B 432 -6.44 14.65 -20.56
N GLY B 433 -7.20 15.73 -20.38
CA GLY B 433 -8.39 15.92 -21.19
C GLY B 433 -8.22 17.12 -22.11
N GLY B 434 -6.99 17.58 -22.27
CA GLY B 434 -6.71 18.78 -23.03
C GLY B 434 -6.77 20.03 -22.16
N LYS B 435 -6.46 21.18 -22.75
CA LYS B 435 -6.36 22.41 -21.97
C LYS B 435 -7.72 23.01 -21.59
N GLU B 436 -8.80 22.37 -22.04
CA GLU B 436 -10.14 22.90 -21.79
C GLU B 436 -10.74 22.35 -20.49
N THR B 437 -9.97 21.54 -19.77
CA THR B 437 -10.42 21.02 -18.49
C THR B 437 -9.25 20.94 -17.51
N TRP B 438 -9.46 20.33 -16.34
CA TRP B 438 -8.39 20.22 -15.35
C TRP B 438 -7.34 19.22 -15.84
N HIS B 439 -6.15 19.26 -15.25
CA HIS B 439 -5.01 18.49 -15.71
C HIS B 439 -4.19 18.11 -14.48
N SER B 440 -4.18 16.84 -14.13
CA SER B 440 -3.48 16.42 -12.92
C SER B 440 -3.02 14.96 -13.06
N ALA B 441 -2.63 14.33 -11.95
CA ALA B 441 -2.06 12.98 -12.02
C ALA B 441 -2.31 12.11 -10.80
N ALA B 442 -2.40 10.80 -11.04
CA ALA B 442 -2.31 9.78 -10.01
C ALA B 442 -0.86 9.30 -9.92
N THR B 443 -0.51 8.59 -8.85
CA THR B 443 0.83 8.02 -8.71
C THR B 443 0.82 6.54 -8.36
N ALA B 444 1.45 5.71 -9.20
CA ALA B 444 1.47 4.26 -8.97
C ALA B 444 2.84 3.80 -8.53
N ILE B 445 2.89 2.87 -7.57
CA ILE B 445 4.18 2.38 -7.06
C ILE B 445 4.37 0.88 -7.22
N TYR B 446 5.52 0.49 -7.77
CA TYR B 446 5.95 -0.90 -7.85
C TYR B 446 7.27 -1.05 -7.09
N CYS B 447 7.42 -2.15 -6.32
CA CYS B 447 8.64 -2.39 -5.57
C CYS B 447 9.12 -3.82 -5.72
N LEU B 448 10.44 -3.99 -5.66
CA LEU B 448 11.04 -5.31 -5.55
C LEU B 448 10.39 -6.02 -4.36
N MET B 449 9.79 -7.17 -4.60
CA MET B 449 9.29 -7.97 -3.49
C MET B 449 9.11 -9.44 -3.86
N GLY B 450 9.81 -10.29 -3.11
CA GLY B 450 9.75 -11.72 -3.32
C GLY B 450 10.32 -12.13 -4.66
N SER B 451 9.96 -13.33 -5.10
CA SER B 451 10.50 -13.87 -6.33
C SER B 451 9.41 -14.09 -7.38
N GLY B 452 9.81 -14.59 -8.54
CA GLY B 452 8.86 -14.93 -9.59
C GLY B 452 8.70 -13.83 -10.62
N GLN B 453 7.47 -13.54 -10.99
CA GLN B 453 7.23 -12.50 -11.99
C GLN B 453 6.15 -11.54 -11.58
N LEU B 454 6.18 -10.36 -12.20
CA LEU B 454 5.25 -9.29 -11.90
C LEU B 454 3.83 -9.71 -12.31
N LEU B 455 2.87 -9.56 -11.40
CA LEU B 455 1.55 -10.16 -11.60
C LEU B 455 0.41 -9.24 -12.08
N TRP B 456 0.35 -7.98 -11.64
CA TRP B 456 -0.81 -7.14 -11.93
C TRP B 456 -0.46 -5.69 -12.29
N ASP B 457 -1.30 -5.11 -13.15
CA ASP B 457 -1.10 -3.76 -13.65
C ASP B 457 -1.94 -2.76 -12.85
N THR B 458 -1.77 -1.47 -13.15
CA THR B 458 -2.46 -0.41 -12.43
C THR B 458 -3.32 0.48 -13.33
N VAL B 459 -4.56 0.72 -12.93
CA VAL B 459 -5.43 1.70 -13.56
C VAL B 459 -5.70 2.85 -12.56
N THR B 460 -5.97 4.05 -13.05
CA THR B 460 -6.23 5.18 -12.14
C THR B 460 -7.66 5.13 -11.59
N GLY B 461 -8.57 4.56 -12.37
CA GLY B 461 -9.97 4.48 -11.97
C GLY B 461 -10.75 5.77 -12.19
N VAL B 462 -10.09 6.78 -12.76
CA VAL B 462 -10.69 8.11 -12.86
C VAL B 462 -11.44 8.39 -14.17
N ASP B 463 -12.69 8.83 -14.03
CA ASP B 463 -13.48 9.31 -15.16
C ASP B 463 -13.43 10.83 -15.13
N MET B 464 -12.76 11.44 -16.12
CA MET B 464 -12.54 12.88 -16.14
C MET B 464 -13.81 13.73 -16.31
N ALA B 465 -14.93 13.12 -16.67
CA ALA B 465 -16.18 13.86 -16.83
C ALA B 465 -16.90 14.14 -15.50
N LEU B 466 -16.56 13.38 -14.47
CA LEU B 466 -17.32 13.46 -13.20
C LEU B 466 -16.91 14.67 -12.37
C1 NAG C . 3.79 -15.37 28.15
C2 NAG C . 3.03 -14.95 29.43
C3 NAG C . 3.48 -13.57 29.90
C4 NAG C . 5.00 -13.47 29.98
C5 NAG C . 5.61 -13.91 28.66
C6 NAG C . 7.13 -13.89 28.64
C7 NAG C . 0.73 -15.76 29.81
C8 NAG C . -0.71 -15.64 29.40
N2 NAG C . 1.59 -14.96 29.17
O3 NAG C . 2.89 -13.28 31.17
O4 NAG C . 5.39 -12.13 30.27
O5 NAG C . 5.19 -15.26 28.37
O6 NAG C . 7.66 -14.91 29.48
O7 NAG C . 1.09 -16.53 30.69
C1 NAG C . 6.03 -11.92 31.56
C2 NAG C . 6.90 -10.66 31.43
C3 NAG C . 7.63 -10.38 32.74
C4 NAG C . 6.64 -10.29 33.89
C5 NAG C . 5.79 -11.56 33.94
C6 NAG C . 4.71 -11.49 35.00
C7 NAG C . 7.67 -10.23 29.13
C8 NAG C . 8.75 -10.47 28.12
N2 NAG C . 7.85 -10.79 30.33
O3 NAG C . 8.33 -9.14 32.63
O4 NAG C . 7.34 -10.11 35.12
O5 NAG C . 5.13 -11.77 32.68
O6 NAG C . 3.65 -12.39 34.73
O7 NAG C . 6.67 -9.56 28.86
C1 NAG D . 28.34 2.04 2.60
C2 NAG D . 28.01 0.55 2.70
C3 NAG D . 27.31 0.26 4.02
C4 NAG D . 28.09 0.83 5.20
C5 NAG D . 28.41 2.30 4.97
C6 NAG D . 29.26 2.93 6.04
C7 NAG D . 27.44 -0.95 0.83
C8 NAG D . 28.63 -1.75 1.22
N2 NAG D . 27.19 0.13 1.58
O3 NAG D . 27.15 -1.15 4.17
O4 NAG D . 27.30 0.70 6.38
O5 NAG D . 29.12 2.45 3.73
O6 NAG D . 30.58 2.38 6.07
O7 NAG D . 26.71 -1.27 -0.10
C1 NAG D . 27.90 -0.12 7.41
C2 NAG D . 27.27 0.32 8.73
C3 NAG D . 27.91 -0.45 9.89
C4 NAG D . 27.81 -1.95 9.64
C5 NAG D . 28.40 -2.30 8.27
C6 NAG D . 28.20 -3.75 7.91
C7 NAG D . 26.38 2.54 9.23
C8 NAG D . 25.05 1.87 9.45
N2 NAG D . 27.40 1.75 8.91
O3 NAG D . 27.25 -0.11 11.11
O4 NAG D . 28.51 -2.66 10.66
O5 NAG D . 27.74 -1.53 7.25
O6 NAG D . 26.94 -3.97 7.31
O7 NAG D . 26.52 3.76 9.37
C1 NAG E . -20.76 -0.64 -14.10
C2 NAG E . -21.81 -0.46 -15.21
C3 NAG E . -22.22 -1.81 -15.77
C4 NAG E . -20.99 -2.56 -16.25
C5 NAG E . -19.96 -2.66 -15.13
C6 NAG E . -18.66 -3.29 -15.58
C7 NAG E . -23.42 1.40 -15.31
C8 NAG E . -24.63 2.03 -14.68
N2 NAG E . -22.98 0.27 -14.73
O3 NAG E . -23.14 -1.62 -16.84
O4 NAG E . -21.36 -3.87 -16.68
O5 NAG E . -19.64 -1.36 -14.64
O6 NAG E . -18.49 -4.58 -15.03
O7 NAG E . -22.86 1.89 -16.28
CA CA F . -20.72 -22.81 5.51
C1 EDO G . -4.25 0.49 23.73
O1 EDO G . -3.35 0.86 24.76
C2 EDO G . -3.55 -0.02 22.49
O2 EDO G . -3.49 -1.45 22.63
C1 EDO H . -6.25 -5.17 37.26
O1 EDO H . -5.39 -4.56 38.22
C2 EDO H . -5.40 -6.06 36.35
O2 EDO H . -4.22 -5.33 35.99
C1 EDO I . -11.72 -4.37 37.25
O1 EDO I . -11.10 -4.83 38.45
C2 EDO I . -13.02 -5.15 37.05
O2 EDO I . -13.71 -4.70 35.89
C1 EDO J . -29.87 10.79 16.61
O1 EDO J . -30.83 9.89 16.04
C2 EDO J . -30.02 12.15 15.94
O2 EDO J . -29.72 12.02 14.55
C1 EDO K . -21.65 -4.13 -8.51
O1 EDO K . -20.59 -5.01 -8.13
C2 EDO K . -21.73 -3.01 -7.47
O2 EDO K . -22.49 -1.90 -7.94
C1 EDO L . -15.73 0.63 -7.36
O1 EDO L . -15.54 2.03 -7.59
C2 EDO L . -14.45 -0.12 -7.71
O2 EDO L . -14.12 0.16 -9.08
C1 EDO M . -11.90 -12.07 -0.33
O1 EDO M . -11.78 -13.47 -0.54
C2 EDO M . -11.88 -11.37 -1.67
O2 EDO M . -12.75 -12.08 -2.54
C1 EDO N . -1.41 -27.42 2.69
O1 EDO N . -1.70 -27.12 4.07
C2 EDO N . -2.30 -26.59 1.77
O2 EDO N . -2.38 -27.21 0.47
C1 EDO O . -26.87 -27.84 25.15
O1 EDO O . -26.58 -28.63 26.29
C2 EDO O . -27.20 -28.74 23.96
O2 EDO O . -27.45 -27.96 22.79
C1 EDO P . -33.92 -18.12 8.91
O1 EDO P . -34.51 -17.21 7.98
C2 EDO P . -34.91 -19.24 9.22
O2 EDO P . -36.08 -18.67 9.82
C1 EDO Q . -36.04 -20.63 12.16
O1 EDO Q . -35.91 -21.29 13.42
C2 EDO Q . -36.91 -21.44 11.20
O2 EDO Q . -36.74 -22.86 11.38
C1 EDO R . -9.16 -30.01 28.25
O1 EDO R . -9.74 -29.04 29.13
C2 EDO R . -10.18 -30.50 27.24
O2 EDO R . -11.42 -30.81 27.88
C1 NAG S . -7.68 30.69 -20.11
C2 NAG S . -6.82 31.60 -21.02
C3 NAG S . -7.69 32.64 -21.72
C4 NAG S . -8.89 31.98 -22.40
C5 NAG S . -9.64 31.11 -21.40
C6 NAG S . -10.81 30.37 -22.01
C7 NAG S . -4.66 31.64 -19.83
C8 NAG S . -3.69 32.48 -19.04
N2 NAG S . -5.77 32.25 -20.24
O3 NAG S . -6.92 33.34 -22.69
O4 NAG S . -9.77 32.97 -22.91
O5 NAG S . -8.74 30.12 -20.87
O6 NAG S . -10.59 30.08 -23.39
O7 NAG S . -4.43 30.46 -20.08
CA CA T . 14.39 12.27 -26.82
C1 EDO U . 18.04 -7.99 5.74
O1 EDO U . 18.59 -8.59 6.91
C2 EDO U . 17.53 -9.10 4.85
O2 EDO U . 16.80 -10.03 5.67
C1 EDO V . 11.10 4.28 6.58
O1 EDO V . 11.32 2.87 6.53
C2 EDO V . 11.06 4.81 5.16
O2 EDO V . 12.34 4.59 4.56
C1 EDO W . 11.88 -11.03 -12.67
O1 EDO W . 10.68 -11.60 -13.21
C2 EDO W . 12.86 -10.73 -13.79
O2 EDO W . 12.20 -9.98 -14.82
C1 EDO X . -3.67 25.55 -20.22
O1 EDO X . -2.31 25.60 -19.78
C2 EDO X . -4.40 24.57 -19.30
O2 EDO X . -5.80 24.83 -19.17
C1 EDO Y . 10.50 19.27 -20.25
O1 EDO Y . 11.53 19.59 -19.33
C2 EDO Y . 10.73 20.06 -21.53
O2 EDO Y . 12.11 19.91 -21.90
C1 EDO Z . 10.79 22.40 -15.95
O1 EDO Z . 10.73 21.33 -16.90
C2 EDO Z . 9.42 23.08 -15.86
O2 EDO Z . 9.03 23.51 -17.17
C1 EDO AA . -5.35 16.11 -25.98
O1 EDO AA . -4.34 16.72 -25.16
C2 EDO AA . -6.20 15.21 -25.10
O2 EDO AA . -7.58 15.45 -25.40
C1 EDO BA . -17.74 -25.67 32.83
O1 EDO BA . -19.13 -26.06 32.87
C2 EDO BA . -16.88 -26.82 32.31
O2 EDO BA . -16.42 -27.64 33.40
#